data_8U58
#
_entry.id   8U58
#
_cell.length_a   1.00
_cell.length_b   1.00
_cell.length_c   1.00
_cell.angle_alpha   90.00
_cell.angle_beta   90.00
_cell.angle_gamma   90.00
#
_symmetry.space_group_name_H-M   'P 1'
#
loop_
_entity.id
_entity.type
_entity.pdbx_description
1 polymer 'Integral membrane protein GPR155'
2 non-polymer 2-acetamido-2-deoxy-beta-D-glucopyranose
#
_entity_poly.entity_id   1
_entity_poly.type   'polypeptide(L)'
_entity_poly.pdbx_seq_one_letter_code
;MNSNLPAENLTIAVNMTKTLPTAVTHGFNSTNDPPSMSITRLFPALLECFGIVLCGYIAGRANVITSTQAKGLGNFVSRF
ALPALLFKNMVVLNFSNVDWSFLYSILIAKASVFFIVCVLTLLVASPDSRFSKAGLFPIFATQSNDFALGYPIVEALYQT
TYPEYLQYIYLVAPISLMMLNPIGFIFCEIQKWKDTQNASQNKIKIVGLGLLRVLQNPIVFMVFIGIAFNFILDRKVPVY
VENFLDGLGNSFSGSALFYLGLTMVGKIKRLKKSAFVVLILLITAKLLVLPLLCREMVELLDKGDSVVNHTSLSNYAFLY
GVFPVAPGVAIFATQFNMEVEIITSGMVISTFVSAPIMYVSAWLLTFPTMDPKPLAYAIQNVSFDISIVSLISLIWSLAI
LLLSKKYKQLPHMLTTNLLIAQSIVCAGMMIWNFVKEKNFVGQILVFVLLYSSLYSTYLWTGLLAISLFLLKKRERVQIP
VGIIIISGWGIPALLVGVLLITGKHNGDSIDSAFFYGKEQMITTAVTLFCSILIAGISLMCMNQTAQAGSYEGFDQSQSH
KVVEPGNTAFEESPAPVNEPELFTSSIPETSCCSCSMGNGELHCPSIEPIANTSTSEPVIPSFEKNNHCVSRCNSQSCIL
AQEEEQYLQSGDQQLTRHVLLCLLLIIGLFANLSSCLWWLFNQEPGRLYVELQFFCAVFNFGQGFISFGIFGLDKHLIIL
PFKRRLEFLWNNKDTAENRDSPVSEEIKMTCQQFIHYHRDLCIRNIVKERRCGAKTSAGTFCGCDLVSWLIEVGLASDRG
EAVIYGDRLVQGGVIQHITNEYEFRDEYLFYRFLQKSPEQSPPAINANTLQQERYKEIEHSSPPSHSPKTGSGSDYKDDD
DKDYKDDDDK
;
_entity_poly.pdbx_strand_id   C,A
#
loop_
_chem_comp.id
_chem_comp.type
_chem_comp.name
_chem_comp.formula
NAG D-saccharide, beta linking 2-acetamido-2-deoxy-beta-D-glucopyranose 'C8 H15 N O6'
#
# COMPACT_ATOMS: atom_id res chain seq x y z
N PRO A 35 4.79 23.84 -21.05
CA PRO A 35 4.85 22.54 -21.72
C PRO A 35 3.74 21.59 -21.32
N SER A 36 3.36 20.71 -22.25
CA SER A 36 2.20 19.84 -22.05
C SER A 36 2.49 18.69 -21.09
N MET A 37 3.72 18.20 -21.10
CA MET A 37 4.19 17.21 -20.14
C MET A 37 5.10 17.89 -19.15
N SER A 38 4.85 17.66 -17.86
CA SER A 38 5.80 18.09 -16.84
C SER A 38 6.92 17.04 -16.79
N ILE A 39 7.76 17.10 -17.83
CA ILE A 39 8.68 16.02 -18.19
C ILE A 39 9.78 15.84 -17.15
N THR A 40 10.10 16.88 -16.39
CA THR A 40 11.05 16.79 -15.29
C THR A 40 10.56 15.90 -14.16
N ARG A 41 9.25 15.70 -14.03
CA ARG A 41 8.67 14.86 -12.99
C ARG A 41 8.74 13.38 -13.33
N LEU A 42 9.06 13.04 -14.58
CA LEU A 42 8.98 11.65 -15.03
C LEU A 42 10.07 10.78 -14.39
N PHE A 43 11.32 11.24 -14.39
CA PHE A 43 12.37 10.41 -13.80
C PHE A 43 12.12 10.11 -12.32
N PRO A 44 11.74 11.07 -11.47
CA PRO A 44 11.27 10.70 -10.12
C PRO A 44 10.20 9.62 -10.10
N ALA A 45 9.24 9.69 -11.02
CA ALA A 45 8.17 8.71 -11.05
C ALA A 45 8.66 7.36 -11.53
N LEU A 46 9.57 7.33 -12.51
CA LEU A 46 10.14 6.07 -12.96
C LEU A 46 10.99 5.44 -11.87
N LEU A 47 11.68 6.26 -11.08
CA LEU A 47 12.38 5.76 -9.92
C LEU A 47 11.43 5.25 -8.86
N GLU A 48 10.25 5.86 -8.69
CA GLU A 48 9.24 5.24 -7.84
C GLU A 48 8.84 3.88 -8.39
N CYS A 49 8.45 3.84 -9.64
CA CYS A 49 7.96 2.64 -10.31
C CYS A 49 8.98 1.51 -10.29
N PHE A 50 10.08 1.72 -10.97
CA PHE A 50 11.08 0.69 -11.12
C PHE A 50 11.95 0.55 -9.88
N GLY A 51 11.96 1.53 -8.98
CA GLY A 51 12.59 1.34 -7.69
C GLY A 51 11.80 0.40 -6.81
N ILE A 52 10.48 0.52 -6.77
CA ILE A 52 9.70 -0.39 -5.96
C ILE A 52 9.65 -1.77 -6.60
N VAL A 53 9.67 -1.84 -7.93
CA VAL A 53 9.86 -3.12 -8.60
C VAL A 53 11.20 -3.75 -8.21
N LEU A 54 12.27 -2.95 -8.22
CA LEU A 54 13.58 -3.45 -7.84
C LEU A 54 13.59 -3.90 -6.38
N CYS A 55 12.87 -3.20 -5.51
CA CYS A 55 12.72 -3.64 -4.13
C CYS A 55 12.05 -5.01 -4.06
N GLY A 56 10.92 -5.17 -4.74
CA GLY A 56 10.25 -6.47 -4.76
C GLY A 56 11.13 -7.56 -5.33
N TYR A 57 11.90 -7.22 -6.35
CA TYR A 57 12.80 -8.17 -6.98
C TYR A 57 13.91 -8.59 -6.02
N ILE A 58 14.57 -7.62 -5.41
CA ILE A 58 15.64 -7.90 -4.44
C ILE A 58 15.09 -8.72 -3.28
N ALA A 59 13.91 -8.35 -2.79
CA ALA A 59 13.28 -9.06 -1.69
C ALA A 59 13.02 -10.51 -2.03
N GLY A 60 12.56 -10.78 -3.25
CA GLY A 60 12.31 -12.16 -3.65
C GLY A 60 13.60 -12.92 -3.91
N ARG A 61 14.59 -12.25 -4.48
CA ARG A 61 15.87 -12.88 -4.79
C ARG A 61 16.66 -13.18 -3.53
N ALA A 62 16.44 -12.42 -2.47
CA ALA A 62 17.07 -12.59 -1.17
C ALA A 62 16.33 -13.55 -0.24
N ASN A 63 15.17 -14.06 -0.65
CA ASN A 63 14.25 -14.83 0.21
C ASN A 63 13.88 -14.07 1.49
N VAL A 64 13.79 -12.75 1.37
CA VAL A 64 13.00 -11.98 2.31
C VAL A 64 11.53 -12.37 2.18
N ILE A 65 11.08 -12.60 0.95
CA ILE A 65 9.71 -13.02 0.67
C ILE A 65 9.77 -14.19 -0.30
N THR A 66 9.34 -15.37 0.16
CA THR A 66 9.29 -16.58 -0.65
C THR A 66 8.10 -16.51 -1.62
N SER A 67 8.16 -17.29 -2.70
CA SER A 67 7.09 -17.29 -3.70
C SER A 67 5.73 -17.55 -3.07
N THR A 68 5.64 -18.43 -2.08
CA THR A 68 4.36 -18.68 -1.43
C THR A 68 3.96 -17.48 -0.55
N GLN A 69 4.92 -16.81 0.06
CA GLN A 69 4.62 -15.59 0.82
C GLN A 69 4.19 -14.44 -0.09
N ALA A 70 4.75 -14.38 -1.30
CA ALA A 70 4.40 -13.33 -2.25
C ALA A 70 2.92 -13.33 -2.59
N LYS A 71 2.26 -14.48 -2.49
CA LYS A 71 0.84 -14.60 -2.83
C LYS A 71 -0.04 -13.77 -1.91
N GLY A 72 0.35 -13.59 -0.64
CA GLY A 72 -0.45 -12.73 0.24
C GLY A 72 -0.43 -11.28 -0.20
N LEU A 73 0.74 -10.80 -0.64
CA LEU A 73 0.82 -9.48 -1.25
C LEU A 73 0.01 -9.43 -2.54
N GLY A 74 0.12 -10.46 -3.38
CA GLY A 74 -0.61 -10.47 -4.64
C GLY A 74 -2.12 -10.49 -4.46
N ASN A 75 -2.60 -11.24 -3.48
CA ASN A 75 -4.04 -11.32 -3.23
C ASN A 75 -4.55 -10.04 -2.57
N PHE A 76 -3.76 -9.42 -1.69
CA PHE A 76 -4.08 -8.07 -1.24
C PHE A 76 -4.23 -7.11 -2.42
N VAL A 77 -3.24 -7.12 -3.31
CA VAL A 77 -3.19 -6.18 -4.44
C VAL A 77 -4.38 -6.40 -5.36
N SER A 78 -4.62 -7.64 -5.76
CA SER A 78 -5.61 -7.91 -6.80
C SER A 78 -7.04 -7.94 -6.27
N ARG A 79 -7.25 -8.35 -5.02
CA ARG A 79 -8.61 -8.53 -4.51
C ARG A 79 -9.05 -7.43 -3.55
N PHE A 80 -8.18 -6.49 -3.15
CA PHE A 80 -8.60 -5.45 -2.23
C PHE A 80 -8.09 -4.07 -2.67
N ALA A 81 -6.79 -3.92 -2.89
CA ALA A 81 -6.25 -2.60 -3.19
C ALA A 81 -6.68 -2.13 -4.58
N LEU A 82 -6.56 -2.98 -5.60
CA LEU A 82 -7.03 -2.62 -6.93
C LEU A 82 -8.55 -2.43 -7.01
N PRO A 83 -9.39 -3.34 -6.54
CA PRO A 83 -10.84 -3.08 -6.64
C PRO A 83 -11.28 -1.80 -5.94
N ALA A 84 -10.65 -1.43 -4.84
CA ALA A 84 -10.92 -0.16 -4.20
C ALA A 84 -10.48 1.02 -5.07
N LEU A 85 -9.29 0.93 -5.65
CA LEU A 85 -8.79 1.99 -6.53
C LEU A 85 -9.72 2.20 -7.72
N LEU A 86 -10.07 1.11 -8.39
CA LEU A 86 -10.99 1.14 -9.51
C LEU A 86 -12.33 1.71 -9.10
N PHE A 87 -12.91 1.20 -8.01
CA PHE A 87 -14.23 1.63 -7.61
C PHE A 87 -14.26 3.13 -7.34
N LYS A 88 -13.30 3.63 -6.56
CA LYS A 88 -13.29 5.07 -6.26
C LYS A 88 -13.17 5.89 -7.54
N ASN A 89 -12.20 5.54 -8.40
CA ASN A 89 -11.99 6.36 -9.57
C ASN A 89 -13.15 6.28 -10.55
N MET A 90 -13.84 5.14 -10.60
CA MET A 90 -15.02 5.00 -11.43
C MET A 90 -16.17 5.84 -10.91
N VAL A 91 -16.37 5.85 -9.60
CA VAL A 91 -17.44 6.66 -9.00
C VAL A 91 -17.20 8.14 -9.27
N VAL A 92 -15.95 8.60 -9.10
CA VAL A 92 -15.60 10.02 -9.23
C VAL A 92 -15.67 10.51 -10.68
N LEU A 93 -15.54 9.61 -11.65
CA LEU A 93 -15.30 9.94 -13.04
C LEU A 93 -16.45 10.71 -13.68
N ASN A 94 -16.14 11.84 -14.29
CA ASN A 94 -17.14 12.71 -14.92
C ASN A 94 -17.31 12.28 -16.37
N PHE A 95 -18.29 11.41 -16.63
CA PHE A 95 -18.42 10.84 -17.98
C PHE A 95 -18.79 11.89 -19.02
N SER A 96 -19.44 12.98 -18.61
CA SER A 96 -19.80 14.06 -19.52
C SER A 96 -18.60 14.94 -19.91
N ASN A 97 -17.42 14.68 -19.36
CA ASN A 97 -16.20 15.42 -19.67
C ASN A 97 -15.06 14.49 -20.09
N VAL A 98 -15.40 13.38 -20.74
CA VAL A 98 -14.43 12.39 -21.24
C VAL A 98 -14.30 12.56 -22.74
N ASP A 99 -13.07 12.64 -23.24
CA ASP A 99 -12.79 12.61 -24.68
C ASP A 99 -12.91 11.17 -25.14
N TRP A 100 -14.11 10.79 -25.56
CA TRP A 100 -14.35 9.44 -26.02
C TRP A 100 -13.50 9.13 -27.24
N SER A 101 -13.19 10.14 -28.06
CA SER A 101 -12.36 9.92 -29.24
C SER A 101 -10.95 9.49 -28.86
N PHE A 102 -10.37 10.02 -27.79
CA PHE A 102 -9.10 9.47 -27.29
C PHE A 102 -9.26 7.97 -26.99
N LEU A 103 -10.30 7.61 -26.24
CA LEU A 103 -10.51 6.21 -25.90
C LEU A 103 -10.62 5.36 -27.14
N TYR A 104 -11.54 5.71 -28.02
CA TYR A 104 -11.72 5.03 -29.29
C TYR A 104 -10.38 4.85 -29.98
N SER A 105 -9.55 5.88 -29.97
CA SER A 105 -8.24 5.81 -30.61
C SER A 105 -7.37 4.74 -29.99
N ILE A 106 -7.30 4.70 -28.66
CA ILE A 106 -6.46 3.72 -27.99
C ILE A 106 -7.04 2.31 -28.16
N LEU A 107 -8.36 2.18 -28.09
CA LEU A 107 -9.01 0.89 -28.18
C LEU A 107 -8.94 0.35 -29.59
N ILE A 108 -8.99 1.24 -30.59
CA ILE A 108 -8.81 0.85 -31.98
C ILE A 108 -7.36 0.47 -32.24
N ALA A 109 -6.41 1.20 -31.66
CA ALA A 109 -5.01 0.81 -31.76
C ALA A 109 -4.78 -0.57 -31.15
N LYS A 110 -5.36 -0.83 -29.99
CA LYS A 110 -5.20 -2.13 -29.35
C LYS A 110 -5.88 -3.22 -30.15
N ALA A 111 -7.10 -2.98 -30.64
CA ALA A 111 -7.77 -3.94 -31.50
C ALA A 111 -6.96 -4.21 -32.77
N SER A 112 -6.31 -3.19 -33.31
CA SER A 112 -5.45 -3.37 -34.49
C SER A 112 -4.26 -4.25 -34.17
N VAL A 113 -3.53 -3.93 -33.10
CA VAL A 113 -2.39 -4.74 -32.70
C VAL A 113 -2.83 -6.16 -32.35
N PHE A 114 -3.95 -6.30 -31.65
CA PHE A 114 -4.53 -7.60 -31.34
C PHE A 114 -4.80 -8.40 -32.61
N PHE A 115 -5.48 -7.77 -33.57
CA PHE A 115 -5.85 -8.44 -34.81
C PHE A 115 -4.60 -8.88 -35.56
N ILE A 116 -3.62 -7.98 -35.69
CA ILE A 116 -2.36 -8.30 -36.36
C ILE A 116 -1.69 -9.49 -35.69
N VAL A 117 -1.45 -9.41 -34.38
CA VAL A 117 -0.68 -10.45 -33.70
C VAL A 117 -1.44 -11.77 -33.72
N CYS A 118 -2.75 -11.71 -33.54
CA CYS A 118 -3.59 -12.89 -33.61
C CYS A 118 -3.49 -13.56 -34.97
N VAL A 119 -3.72 -12.79 -36.04
CA VAL A 119 -3.73 -13.33 -37.39
C VAL A 119 -2.35 -13.89 -37.76
N LEU A 120 -1.30 -13.12 -37.48
CA LEU A 120 0.04 -13.59 -37.77
C LEU A 120 0.35 -14.86 -36.98
N THR A 121 -0.12 -14.96 -35.73
CA THR A 121 0.12 -16.18 -34.98
C THR A 121 -0.64 -17.36 -35.59
N LEU A 122 -1.88 -17.13 -36.00
CA LEU A 122 -2.67 -18.20 -36.62
C LEU A 122 -2.05 -18.64 -37.94
N LEU A 123 -1.38 -17.74 -38.65
CA LEU A 123 -0.70 -18.08 -39.89
C LEU A 123 0.65 -18.74 -39.65
N VAL A 124 1.44 -18.19 -38.74
CA VAL A 124 2.85 -18.53 -38.57
C VAL A 124 3.05 -19.71 -37.62
N ALA A 125 2.21 -19.88 -36.60
CA ALA A 125 2.49 -20.83 -35.53
C ALA A 125 2.09 -22.25 -35.90
N SER A 126 2.62 -23.20 -35.12
CA SER A 126 2.39 -24.62 -35.37
C SER A 126 0.97 -25.01 -34.94
N PRO A 127 0.29 -25.89 -35.69
CA PRO A 127 -1.13 -26.13 -35.43
C PRO A 127 -1.44 -26.65 -34.04
N ASP A 128 -0.49 -27.32 -33.39
CA ASP A 128 -0.73 -27.91 -32.07
C ASP A 128 -0.87 -26.86 -30.97
N SER A 129 -0.39 -25.65 -31.19
CA SER A 129 -0.37 -24.62 -30.16
C SER A 129 -0.78 -23.26 -30.68
N ARG A 130 -1.24 -23.14 -31.93
CA ARG A 130 -1.48 -21.81 -32.46
C ARG A 130 -2.69 -21.15 -31.79
N PHE A 131 -3.62 -21.91 -31.24
CA PHE A 131 -4.73 -21.26 -30.55
C PHE A 131 -4.30 -20.72 -29.19
N SER A 132 -3.40 -21.38 -28.47
CA SER A 132 -2.87 -20.77 -27.26
C SER A 132 -2.03 -19.55 -27.58
N LYS A 133 -1.20 -19.64 -28.61
CA LYS A 133 -0.36 -18.50 -28.98
C LYS A 133 -1.22 -17.34 -29.50
N ALA A 134 -2.19 -17.61 -30.36
CA ALA A 134 -3.13 -16.62 -30.85
C ALA A 134 -4.14 -16.18 -29.80
N GLY A 135 -4.20 -16.85 -28.66
CA GLY A 135 -4.93 -16.33 -27.52
C GLY A 135 -4.11 -15.34 -26.74
N LEU A 136 -2.91 -15.75 -26.35
CA LEU A 136 -2.14 -14.99 -25.38
C LEU A 136 -1.23 -13.93 -26.01
N PHE A 137 -0.60 -14.22 -27.14
CA PHE A 137 0.26 -13.24 -27.81
C PHE A 137 -0.49 -11.93 -28.12
N PRO A 138 -1.74 -11.94 -28.62
CA PRO A 138 -2.42 -10.66 -28.85
C PRO A 138 -2.76 -9.92 -27.56
N ILE A 139 -3.03 -10.64 -26.47
CA ILE A 139 -3.25 -10.01 -25.17
C ILE A 139 -1.95 -9.41 -24.66
N PHE A 140 -0.85 -10.15 -24.81
CA PHE A 140 0.49 -9.66 -24.46
C PHE A 140 0.80 -8.35 -25.19
N ALA A 141 0.47 -8.27 -26.46
CA ALA A 141 0.78 -7.10 -27.26
C ALA A 141 -0.11 -5.90 -26.94
N THR A 142 -1.18 -6.07 -26.16
CA THR A 142 -2.16 -5.01 -26.00
C THR A 142 -2.49 -4.68 -24.54
N GLN A 143 -2.38 -5.63 -23.62
CA GLN A 143 -2.72 -5.37 -22.24
C GLN A 143 -1.53 -4.72 -21.54
N SER A 144 -1.71 -3.46 -21.15
CA SER A 144 -0.69 -2.64 -20.55
C SER A 144 -0.70 -2.77 -19.04
N ASN A 145 0.46 -2.56 -18.42
CA ASN A 145 0.52 -2.36 -16.98
C ASN A 145 0.02 -0.96 -16.66
N ASP A 146 -1.29 -0.81 -16.71
CA ASP A 146 -1.93 0.50 -16.69
C ASP A 146 -1.95 1.09 -15.28
N PHE A 147 -2.30 0.27 -14.30
CA PHE A 147 -2.57 0.73 -12.95
C PHE A 147 -1.31 0.84 -12.10
N ALA A 148 -0.43 -0.16 -12.13
CA ALA A 148 0.75 -0.09 -11.28
C ALA A 148 1.82 0.83 -11.85
N LEU A 149 2.09 0.73 -13.16
CA LEU A 149 3.13 1.55 -13.78
C LEU A 149 2.57 2.74 -14.55
N GLY A 150 1.52 2.55 -15.34
CA GLY A 150 1.04 3.64 -16.17
C GLY A 150 0.56 4.81 -15.32
N TYR A 151 -0.26 4.51 -14.31
CA TYR A 151 -0.89 5.58 -13.55
C TYR A 151 0.11 6.50 -12.86
N PRO A 152 1.07 6.04 -12.05
CA PRO A 152 2.00 7.00 -11.43
C PRO A 152 2.80 7.82 -12.44
N ILE A 153 3.07 7.28 -13.61
CA ILE A 153 3.79 7.98 -14.66
C ILE A 153 2.91 9.05 -15.31
N VAL A 154 1.65 8.72 -15.57
CA VAL A 154 0.69 9.66 -16.14
C VAL A 154 0.38 10.76 -15.14
N GLU A 155 0.21 10.40 -13.88
CA GLU A 155 0.08 11.37 -12.82
C GLU A 155 1.27 12.32 -12.80
N ALA A 156 2.49 11.77 -12.79
CA ALA A 156 3.68 12.61 -12.82
C ALA A 156 3.70 13.56 -14.01
N LEU A 157 3.35 13.06 -15.19
CA LEU A 157 3.49 13.85 -16.41
C LEU A 157 2.39 14.89 -16.56
N TYR A 158 1.18 14.58 -16.10
CA TYR A 158 -0.02 15.28 -16.55
C TYR A 158 -0.92 15.82 -15.44
N GLN A 159 -0.74 15.41 -14.18
CA GLN A 159 -1.60 15.81 -13.06
C GLN A 159 -1.76 17.32 -12.92
N THR A 160 -0.72 18.08 -13.26
CA THR A 160 -0.71 19.53 -13.09
C THR A 160 -1.06 20.29 -14.36
N THR A 161 -1.11 19.61 -15.51
CA THR A 161 -1.35 20.23 -16.80
C THR A 161 -2.62 19.71 -17.46
N TYR A 162 -2.80 18.40 -17.47
CA TYR A 162 -3.98 17.74 -18.02
C TYR A 162 -4.46 16.70 -17.02
N PRO A 163 -5.05 17.14 -15.90
CA PRO A 163 -5.49 16.18 -14.88
C PRO A 163 -6.54 15.21 -15.39
N GLU A 164 -7.24 15.57 -16.45
CA GLU A 164 -8.18 14.66 -17.09
C GLU A 164 -7.49 13.47 -17.75
N TYR A 165 -6.19 13.58 -18.09
CA TYR A 165 -5.54 12.45 -18.75
C TYR A 165 -5.47 11.23 -17.83
N LEU A 166 -5.50 11.44 -16.51
CA LEU A 166 -5.47 10.35 -15.55
C LEU A 166 -6.71 9.47 -15.63
N GLN A 167 -7.86 10.07 -15.96
CA GLN A 167 -9.12 9.34 -16.10
C GLN A 167 -9.01 8.19 -17.08
N TYR A 168 -8.33 8.43 -18.19
CA TYR A 168 -8.38 7.48 -19.28
C TYR A 168 -7.65 6.18 -18.94
N ILE A 169 -6.78 6.15 -17.93
CA ILE A 169 -6.21 4.86 -17.54
C ILE A 169 -7.29 3.95 -16.98
N TYR A 170 -8.18 4.50 -16.15
CA TYR A 170 -9.29 3.74 -15.59
C TYR A 170 -10.37 3.48 -16.63
N LEU A 171 -10.34 4.18 -17.75
CA LEU A 171 -11.24 3.85 -18.86
C LEU A 171 -10.63 2.83 -19.84
N VAL A 172 -9.45 3.11 -20.37
CA VAL A 172 -8.84 2.29 -21.41
C VAL A 172 -8.59 0.88 -20.91
N ALA A 173 -7.95 0.75 -19.74
CA ALA A 173 -7.53 -0.58 -19.32
C ALA A 173 -8.71 -1.54 -19.17
N PRO A 174 -9.79 -1.21 -18.45
CA PRO A 174 -10.90 -2.16 -18.36
C PRO A 174 -11.59 -2.41 -19.68
N ILE A 175 -11.87 -1.35 -20.45
CA ILE A 175 -12.55 -1.54 -21.73
C ILE A 175 -11.69 -2.38 -22.66
N SER A 176 -10.38 -2.18 -22.61
CA SER A 176 -9.43 -3.03 -23.32
C SER A 176 -9.61 -4.49 -22.96
N LEU A 177 -9.68 -4.81 -21.65
CA LEU A 177 -9.88 -6.20 -21.24
C LEU A 177 -11.22 -6.72 -21.75
N MET A 178 -12.27 -5.93 -21.57
CA MET A 178 -13.63 -6.31 -21.95
C MET A 178 -13.73 -6.60 -23.44
N MET A 179 -13.04 -5.82 -24.26
CA MET A 179 -13.04 -6.00 -25.71
C MET A 179 -12.21 -7.18 -26.15
N LEU A 180 -10.95 -7.22 -25.70
CA LEU A 180 -9.94 -8.01 -26.35
C LEU A 180 -9.66 -9.32 -25.64
N ASN A 181 -9.67 -9.33 -24.30
CA ASN A 181 -9.34 -10.54 -23.59
C ASN A 181 -10.34 -11.67 -23.81
N PRO A 182 -11.66 -11.46 -23.95
CA PRO A 182 -12.51 -12.63 -24.22
C PRO A 182 -12.11 -13.32 -25.51
N ILE A 183 -11.68 -12.58 -26.53
CA ILE A 183 -11.24 -13.20 -27.78
C ILE A 183 -10.01 -14.09 -27.52
N GLY A 184 -9.01 -13.56 -26.83
CA GLY A 184 -7.84 -14.36 -26.53
C GLY A 184 -8.16 -15.56 -25.66
N PHE A 185 -9.09 -15.41 -24.73
CA PHE A 185 -9.49 -16.52 -23.88
C PHE A 185 -10.28 -17.56 -24.66
N ILE A 186 -11.08 -17.13 -25.63
CA ILE A 186 -11.75 -18.05 -26.54
C ILE A 186 -10.72 -18.90 -27.28
N PHE A 187 -9.66 -18.26 -27.76
CA PHE A 187 -8.63 -19.03 -28.45
C PHE A 187 -7.95 -20.03 -27.51
N CYS A 188 -7.71 -19.62 -26.26
CA CYS A 188 -7.15 -20.58 -25.30
C CYS A 188 -8.16 -21.68 -24.97
N GLU A 189 -9.44 -21.38 -24.93
CA GLU A 189 -10.45 -22.41 -24.69
C GLU A 189 -10.57 -23.36 -25.88
N ILE A 190 -10.39 -22.84 -27.09
CA ILE A 190 -10.31 -23.71 -28.27
C ILE A 190 -9.09 -24.60 -28.15
N GLN A 191 -7.96 -24.06 -27.70
CA GLN A 191 -6.79 -24.90 -27.46
C GLN A 191 -7.07 -25.96 -26.41
N LYS A 192 -7.74 -25.57 -25.32
CA LYS A 192 -8.12 -26.51 -24.28
C LYS A 192 -9.01 -27.62 -24.83
N TRP A 193 -10.00 -27.25 -25.65
CA TRP A 193 -10.87 -28.23 -26.26
C TRP A 193 -10.11 -29.13 -27.23
N LYS A 194 -9.20 -28.55 -28.00
CA LYS A 194 -8.42 -29.31 -28.97
C LYS A 194 -7.48 -30.27 -28.27
N ASP A 195 -6.91 -29.85 -27.14
CA ASP A 195 -6.06 -30.69 -26.32
C ASP A 195 -6.84 -31.83 -25.68
N THR A 196 -8.14 -31.65 -25.47
CA THR A 196 -8.97 -32.65 -24.80
C THR A 196 -9.33 -33.81 -25.73
N SER A 200 -13.48 -28.12 -30.45
CA SER A 200 -14.33 -26.93 -30.50
C SER A 200 -15.83 -27.29 -30.64
N GLN A 201 -16.27 -28.30 -29.88
CA GLN A 201 -17.60 -28.88 -30.07
C GLN A 201 -18.72 -27.93 -29.58
N ASN A 202 -18.69 -27.53 -28.32
CA ASN A 202 -19.70 -26.63 -27.76
C ASN A 202 -19.21 -25.19 -27.91
N LYS A 203 -19.64 -24.50 -28.99
CA LYS A 203 -19.11 -23.17 -29.26
C LYS A 203 -19.50 -22.20 -28.16
N ILE A 204 -20.74 -22.26 -27.68
CA ILE A 204 -21.20 -21.29 -26.70
C ILE A 204 -20.57 -21.56 -25.34
N LYS A 205 -20.22 -22.81 -25.00
CA LYS A 205 -19.42 -23.02 -23.79
C LYS A 205 -18.04 -22.37 -23.93
N ILE A 206 -17.41 -22.52 -25.07
CA ILE A 206 -16.10 -21.89 -25.30
C ILE A 206 -16.21 -20.37 -25.16
N VAL A 207 -17.22 -19.77 -25.81
CA VAL A 207 -17.43 -18.33 -25.71
C VAL A 207 -17.73 -17.94 -24.26
N GLY A 208 -18.59 -18.71 -23.60
CA GLY A 208 -18.97 -18.39 -22.23
C GLY A 208 -17.81 -18.49 -21.26
N LEU A 209 -16.96 -19.49 -21.41
CA LEU A 209 -15.78 -19.59 -20.54
C LEU A 209 -14.83 -18.42 -20.77
N GLY A 210 -14.69 -17.95 -22.03
CA GLY A 210 -13.92 -16.74 -22.26
C GLY A 210 -14.52 -15.51 -21.58
N LEU A 211 -15.82 -15.30 -21.77
CA LEU A 211 -16.49 -14.14 -21.19
C LEU A 211 -16.51 -14.21 -19.67
N LEU A 212 -16.71 -15.39 -19.12
CA LEU A 212 -16.75 -15.59 -17.68
C LEU A 212 -15.39 -15.30 -17.06
N ARG A 213 -14.30 -15.71 -17.72
CA ARG A 213 -12.97 -15.40 -17.21
C ARG A 213 -12.69 -13.89 -17.26
N VAL A 214 -13.33 -13.17 -18.17
CA VAL A 214 -13.22 -11.71 -18.17
C VAL A 214 -14.05 -11.08 -17.06
N LEU A 215 -15.27 -11.58 -16.87
CA LEU A 215 -16.17 -11.07 -15.82
C LEU A 215 -15.59 -11.30 -14.44
N GLN A 216 -14.89 -12.41 -14.24
CA GLN A 216 -14.26 -12.77 -12.97
C GLN A 216 -12.99 -11.98 -12.71
N ASN A 217 -12.58 -11.12 -13.60
CA ASN A 217 -11.44 -10.25 -13.35
C ASN A 217 -11.90 -9.04 -12.52
N PRO A 218 -11.26 -8.76 -11.38
CA PRO A 218 -11.62 -7.58 -10.59
C PRO A 218 -11.60 -6.27 -11.37
N ILE A 219 -10.75 -6.19 -12.40
CA ILE A 219 -10.68 -4.97 -13.21
C ILE A 219 -12.02 -4.73 -13.91
N VAL A 220 -12.72 -5.79 -14.28
CA VAL A 220 -13.94 -5.66 -15.05
C VAL A 220 -15.15 -5.46 -14.14
N PHE A 221 -15.30 -6.30 -13.12
CA PHE A 221 -16.50 -6.19 -12.32
C PHE A 221 -16.46 -4.96 -11.41
N MET A 222 -15.29 -4.53 -10.93
CA MET A 222 -15.31 -3.30 -10.14
C MET A 222 -15.44 -2.06 -11.02
N VAL A 223 -15.23 -2.19 -12.31
CA VAL A 223 -15.54 -1.09 -13.20
C VAL A 223 -17.04 -1.03 -13.49
N PHE A 224 -17.69 -2.18 -13.70
CA PHE A 224 -19.15 -2.19 -13.79
C PHE A 224 -19.79 -1.65 -12.52
N ILE A 225 -19.35 -2.13 -11.36
CA ILE A 225 -19.88 -1.69 -10.08
C ILE A 225 -19.59 -0.21 -9.86
N GLY A 226 -18.35 0.23 -10.14
CA GLY A 226 -18.02 1.64 -9.97
C GLY A 226 -18.82 2.56 -10.88
N ILE A 227 -19.12 2.12 -12.10
CA ILE A 227 -19.95 2.91 -13.01
C ILE A 227 -21.38 2.98 -12.48
N ALA A 228 -21.90 1.85 -12.03
CA ALA A 228 -23.23 1.86 -11.40
C ALA A 228 -23.26 2.86 -10.26
N PHE A 229 -22.29 2.80 -9.37
CA PHE A 229 -22.33 3.66 -8.20
C PHE A 229 -22.01 5.12 -8.55
N ASN A 230 -21.30 5.37 -9.64
CA ASN A 230 -21.21 6.72 -10.22
C ASN A 230 -22.60 7.28 -10.44
N PHE A 231 -23.47 6.49 -11.07
CA PHE A 231 -24.81 6.94 -11.40
C PHE A 231 -25.79 6.87 -10.23
N ILE A 232 -25.53 6.01 -9.23
CA ILE A 232 -26.37 5.95 -8.03
C ILE A 232 -26.05 7.11 -7.10
N LEU A 233 -24.78 7.48 -7.00
CA LEU A 233 -24.30 8.42 -6.00
C LEU A 233 -24.03 9.83 -6.55
N ASP A 234 -24.40 10.11 -7.79
CA ASP A 234 -24.05 11.35 -8.48
C ASP A 234 -22.55 11.69 -8.31
N ARG A 235 -21.71 10.69 -8.59
CA ARG A 235 -20.25 10.75 -8.56
C ARG A 235 -19.62 11.04 -7.19
N LYS A 236 -20.43 11.14 -6.14
CA LYS A 236 -19.92 11.44 -4.81
C LYS A 236 -19.67 10.14 -4.06
N VAL A 237 -18.40 9.87 -3.77
CA VAL A 237 -18.09 8.79 -2.83
C VAL A 237 -18.71 9.13 -1.49
N PRO A 238 -19.46 8.23 -0.84
CA PRO A 238 -19.98 8.55 0.49
C PRO A 238 -18.83 8.80 1.45
N VAL A 239 -18.96 9.83 2.29
CA VAL A 239 -17.83 10.32 3.09
C VAL A 239 -17.34 9.26 4.07
N TYR A 240 -18.23 8.41 4.56
CA TYR A 240 -17.85 7.31 5.45
C TYR A 240 -16.97 6.28 4.72
N VAL A 241 -17.21 6.08 3.44
CA VAL A 241 -16.53 5.06 2.64
C VAL A 241 -15.27 5.62 1.98
N GLU A 242 -15.22 6.94 1.80
CA GLU A 242 -14.16 7.58 1.04
C GLU A 242 -12.77 7.26 1.60
N ASN A 243 -12.57 7.42 2.91
CA ASN A 243 -11.25 7.18 3.46
C ASN A 243 -10.87 5.71 3.45
N PHE A 244 -11.84 4.80 3.55
CA PHE A 244 -11.55 3.37 3.37
C PHE A 244 -11.04 3.08 1.96
N LEU A 245 -11.70 3.66 0.97
CA LEU A 245 -11.28 3.48 -0.41
C LEU A 245 -9.94 4.15 -0.68
N ASP A 246 -9.70 5.30 -0.06
CA ASP A 246 -8.38 5.92 -0.10
C ASP A 246 -7.32 4.98 0.45
N GLY A 247 -7.52 4.45 1.66
CA GLY A 247 -6.50 3.61 2.28
C GLY A 247 -6.15 2.40 1.43
N LEU A 248 -7.16 1.70 0.93
CA LEU A 248 -6.89 0.58 0.04
C LEU A 248 -6.28 1.03 -1.30
N GLY A 249 -6.90 2.02 -1.95
CA GLY A 249 -6.45 2.44 -3.26
C GLY A 249 -5.04 3.00 -3.25
N ASN A 250 -4.73 3.85 -2.28
CA ASN A 250 -3.38 4.39 -2.14
C ASN A 250 -2.37 3.30 -1.79
N SER A 251 -2.81 2.19 -1.18
CA SER A 251 -1.84 1.12 -0.99
C SER A 251 -1.59 0.29 -2.26
N PHE A 252 -2.47 0.41 -3.26
CA PHE A 252 -2.25 -0.35 -4.49
C PHE A 252 -0.89 -0.09 -5.13
N SER A 253 -0.51 1.16 -5.39
CA SER A 253 0.62 1.43 -6.29
C SER A 253 1.91 0.77 -5.79
N GLY A 254 2.40 1.20 -4.63
CA GLY A 254 3.60 0.60 -4.10
C GLY A 254 3.49 -0.90 -3.93
N SER A 255 2.32 -1.37 -3.43
CA SER A 255 2.17 -2.80 -3.17
C SER A 255 2.21 -3.62 -4.46
N ALA A 256 1.60 -3.10 -5.52
CA ALA A 256 1.55 -3.77 -6.81
C ALA A 256 2.91 -3.77 -7.49
N LEU A 257 3.63 -2.65 -7.39
CA LEU A 257 4.97 -2.55 -7.94
C LEU A 257 5.92 -3.50 -7.23
N PHE A 258 5.77 -3.63 -5.92
CA PHE A 258 6.58 -4.56 -5.16
C PHE A 258 6.22 -6.00 -5.53
N TYR A 259 4.93 -6.30 -5.67
CA TYR A 259 4.52 -7.64 -6.07
C TYR A 259 4.99 -7.96 -7.49
N LEU A 260 4.98 -6.97 -8.38
CA LEU A 260 5.54 -7.12 -9.71
C LEU A 260 7.01 -7.50 -9.63
N GLY A 261 7.79 -6.77 -8.83
CA GLY A 261 9.17 -7.16 -8.59
C GLY A 261 9.32 -8.59 -8.11
N LEU A 262 8.49 -8.99 -7.14
CA LEU A 262 8.55 -10.35 -6.60
C LEU A 262 8.23 -11.39 -7.65
N THR A 263 7.27 -11.11 -8.53
CA THR A 263 6.90 -12.07 -9.55
C THR A 263 7.86 -12.05 -10.75
N MET A 264 8.78 -11.09 -10.82
CA MET A 264 9.83 -11.12 -11.84
C MET A 264 10.97 -12.08 -11.50
N VAL A 265 11.01 -12.63 -10.29
CA VAL A 265 12.15 -13.40 -9.79
C VAL A 265 12.13 -14.81 -10.38
N GLY A 266 13.18 -15.16 -11.13
CA GLY A 266 13.32 -16.48 -11.71
C GLY A 266 12.46 -16.75 -12.92
N LYS A 267 11.85 -15.71 -13.49
CA LYS A 267 10.91 -15.88 -14.59
C LYS A 267 11.60 -15.88 -15.96
N ILE A 268 12.74 -15.22 -16.10
CA ILE A 268 13.49 -15.26 -17.35
C ILE A 268 14.23 -16.59 -17.41
N LYS A 269 13.77 -17.46 -18.27
CA LYS A 269 14.29 -18.80 -18.47
C LYS A 269 14.73 -18.89 -19.92
N ARG A 270 15.82 -19.61 -20.18
CA ARG A 270 16.52 -19.51 -21.46
C ARG A 270 15.66 -20.09 -22.57
N LEU A 271 15.21 -19.23 -23.46
CA LEU A 271 14.29 -19.60 -24.54
C LEU A 271 15.06 -20.07 -25.77
N LYS A 272 14.44 -20.98 -26.53
CA LYS A 272 14.93 -21.34 -27.86
C LYS A 272 15.02 -20.09 -28.73
N LYS A 273 15.81 -20.14 -29.81
CA LYS A 273 15.96 -18.96 -30.67
C LYS A 273 14.60 -18.47 -31.17
N SER A 274 13.73 -19.39 -31.58
CA SER A 274 12.42 -19.00 -32.09
C SER A 274 11.58 -18.33 -31.00
N ALA A 275 11.59 -18.91 -29.80
CA ALA A 275 10.85 -18.32 -28.69
C ALA A 275 11.40 -16.94 -28.33
N PHE A 276 12.71 -16.75 -28.47
CA PHE A 276 13.34 -15.44 -28.24
C PHE A 276 12.97 -14.43 -29.33
N VAL A 277 13.00 -14.84 -30.60
CA VAL A 277 12.59 -13.94 -31.68
C VAL A 277 11.12 -13.55 -31.50
N VAL A 278 10.28 -14.53 -31.18
CA VAL A 278 8.86 -14.27 -30.94
C VAL A 278 8.68 -13.26 -29.81
N LEU A 279 9.43 -13.45 -28.73
CA LEU A 279 9.36 -12.54 -27.59
C LEU A 279 9.78 -11.12 -27.97
N ILE A 280 10.87 -10.99 -28.75
CA ILE A 280 11.27 -9.67 -29.22
C ILE A 280 10.18 -9.03 -30.05
N LEU A 281 9.56 -9.81 -30.95
CA LEU A 281 8.49 -9.30 -31.81
C LEU A 281 7.27 -8.87 -31.00
N LEU A 282 6.93 -9.63 -29.96
CA LEU A 282 5.76 -9.29 -29.14
C LEU A 282 6.03 -8.08 -28.26
N ILE A 283 7.24 -7.96 -27.73
CA ILE A 283 7.59 -6.77 -26.96
C ILE A 283 7.62 -5.55 -27.88
N THR A 284 8.06 -5.74 -29.13
CA THR A 284 8.00 -4.68 -30.14
C THR A 284 6.56 -4.31 -30.46
N ALA A 285 5.68 -5.29 -30.58
CA ALA A 285 4.27 -5.02 -30.76
C ALA A 285 3.71 -4.20 -29.61
N LYS A 286 4.07 -4.57 -28.37
CA LYS A 286 3.59 -3.88 -27.18
C LYS A 286 4.18 -2.47 -27.07
N LEU A 287 5.47 -2.30 -27.35
CA LEU A 287 6.23 -1.14 -26.94
C LEU A 287 6.71 -0.25 -28.09
N LEU A 288 6.44 -0.62 -29.34
CA LEU A 288 6.75 0.22 -30.48
C LEU A 288 5.55 0.30 -31.42
N VAL A 289 5.00 -0.84 -31.85
CA VAL A 289 3.87 -0.81 -32.78
C VAL A 289 2.66 -0.17 -32.13
N LEU A 290 2.33 -0.60 -30.90
CA LEU A 290 1.14 -0.06 -30.24
C LEU A 290 1.26 1.44 -29.96
N PRO A 291 2.34 1.97 -29.38
CA PRO A 291 2.39 3.43 -29.17
C PRO A 291 2.33 4.24 -30.46
N LEU A 292 2.88 3.72 -31.56
CA LEU A 292 2.80 4.40 -32.85
C LEU A 292 1.37 4.42 -33.40
N LEU A 293 0.65 3.32 -33.23
CA LEU A 293 -0.77 3.32 -33.63
C LEU A 293 -1.62 4.17 -32.70
N CYS A 294 -1.36 4.15 -31.39
CA CYS A 294 -2.16 4.98 -30.48
C CYS A 294 -2.02 6.44 -30.84
N ARG A 295 -0.78 6.87 -31.14
CA ARG A 295 -0.50 8.20 -31.65
C ARG A 295 -1.26 8.49 -32.95
N GLU A 296 -1.12 7.60 -33.94
CA GLU A 296 -1.77 7.78 -35.23
C GLU A 296 -3.29 7.79 -35.13
N MET A 297 -3.85 6.96 -34.25
CA MET A 297 -5.29 6.87 -34.14
C MET A 297 -5.86 8.13 -33.52
N VAL A 298 -5.18 8.71 -32.52
CA VAL A 298 -5.59 10.03 -32.06
C VAL A 298 -5.57 11.03 -33.21
N GLU A 299 -4.56 10.94 -34.07
CA GLU A 299 -4.46 11.92 -35.15
C GLU A 299 -5.50 11.68 -36.25
N LEU A 300 -6.03 10.46 -36.38
CA LEU A 300 -7.11 10.20 -37.31
C LEU A 300 -8.48 10.56 -36.73
N LEU A 301 -8.70 10.26 -35.44
CA LEU A 301 -10.04 10.24 -34.88
C LEU A 301 -10.33 11.34 -33.87
N ASP A 302 -9.32 12.00 -33.29
CA ASP A 302 -9.59 13.22 -32.52
C ASP A 302 -9.61 14.42 -33.46
N LYS A 303 -10.81 14.80 -33.87
CA LYS A 303 -11.06 15.98 -34.69
C LYS A 303 -11.10 17.29 -33.88
N GLY A 304 -10.59 17.30 -32.64
CA GLY A 304 -10.63 18.50 -31.81
C GLY A 304 -9.78 19.64 -32.36
N ASP A 305 -10.16 20.86 -31.96
CA ASP A 305 -9.64 22.09 -32.58
C ASP A 305 -8.24 22.48 -32.09
N SER A 306 -7.94 22.32 -30.80
CA SER A 306 -6.73 22.91 -30.23
C SER A 306 -5.50 22.08 -30.57
N VAL A 307 -4.53 22.71 -31.24
CA VAL A 307 -3.33 22.00 -31.65
C VAL A 307 -2.52 21.56 -30.44
N VAL A 308 -2.45 22.37 -29.38
CA VAL A 308 -1.70 21.96 -28.20
C VAL A 308 -2.38 20.79 -27.53
N ASN A 309 -3.70 20.82 -27.40
CA ASN A 309 -4.42 19.69 -26.79
C ASN A 309 -4.30 18.44 -27.65
N HIS A 310 -4.42 18.58 -28.97
CA HIS A 310 -4.26 17.45 -29.87
C HIS A 310 -2.85 16.87 -29.79
N THR A 311 -1.84 17.74 -29.77
CA THR A 311 -0.45 17.32 -29.62
C THR A 311 -0.27 16.56 -28.32
N SER A 312 -0.67 17.15 -27.21
CA SER A 312 -0.45 16.53 -25.91
C SER A 312 -1.19 15.21 -25.80
N LEU A 313 -2.35 15.12 -26.45
CA LEU A 313 -3.16 13.92 -26.42
C LEU A 313 -2.56 12.84 -27.30
N SER A 314 -1.98 13.23 -28.43
CA SER A 314 -1.24 12.31 -29.28
C SER A 314 0.01 11.80 -28.57
N ASN A 315 0.70 12.70 -27.88
CA ASN A 315 1.85 12.32 -27.06
C ASN A 315 1.42 11.37 -25.93
N TYR A 316 0.31 11.69 -25.27
CA TYR A 316 -0.20 10.83 -24.20
C TYR A 316 -0.57 9.46 -24.74
N ALA A 317 -1.18 9.42 -25.92
CA ALA A 317 -1.48 8.14 -26.57
C ALA A 317 -0.21 7.33 -26.83
N PHE A 318 0.83 7.97 -27.36
CA PHE A 318 2.11 7.29 -27.51
C PHE A 318 2.59 6.72 -26.18
N LEU A 319 2.58 7.56 -25.14
CA LEU A 319 3.11 7.14 -23.85
C LEU A 319 2.28 6.00 -23.28
N TYR A 320 0.97 6.07 -23.46
CA TYR A 320 0.07 5.01 -23.03
C TYR A 320 0.45 3.69 -23.68
N GLY A 321 0.82 3.72 -24.96
CA GLY A 321 1.30 2.53 -25.63
C GLY A 321 2.58 1.94 -25.07
N VAL A 322 3.46 2.78 -24.50
CA VAL A 322 4.74 2.27 -23.98
C VAL A 322 4.65 1.55 -22.64
N PHE A 323 3.47 1.45 -22.03
CA PHE A 323 3.37 0.73 -20.77
C PHE A 323 3.68 -0.75 -20.99
N PRO A 324 4.37 -1.43 -20.05
CA PRO A 324 4.74 -2.84 -20.29
C PRO A 324 3.56 -3.78 -20.29
N VAL A 325 3.81 -5.07 -20.54
CA VAL A 325 2.75 -6.06 -20.44
C VAL A 325 2.30 -6.19 -19.00
N ALA A 326 0.99 -6.29 -18.80
CA ALA A 326 0.44 -6.48 -17.47
C ALA A 326 0.83 -7.86 -16.91
N PRO A 327 1.10 -7.96 -15.61
CA PRO A 327 1.30 -9.30 -15.03
C PRO A 327 0.08 -10.21 -15.18
N GLY A 328 -1.11 -9.62 -15.30
CA GLY A 328 -2.30 -10.40 -15.56
C GLY A 328 -2.16 -11.36 -16.73
N VAL A 329 -1.40 -10.98 -17.76
CA VAL A 329 -1.25 -11.84 -18.93
C VAL A 329 -0.52 -13.11 -18.56
N ALA A 330 0.52 -12.99 -17.73
CA ALA A 330 1.23 -14.14 -17.20
C ALA A 330 0.35 -15.00 -16.30
N ILE A 331 -0.58 -14.35 -15.58
CA ILE A 331 -1.56 -15.10 -14.80
C ILE A 331 -2.48 -15.91 -15.72
N PHE A 332 -2.97 -15.31 -16.81
CA PHE A 332 -3.81 -16.07 -17.74
C PHE A 332 -3.04 -17.24 -18.34
N ALA A 333 -1.79 -17.00 -18.73
CA ALA A 333 -0.92 -18.06 -19.24
C ALA A 333 -0.80 -19.21 -18.24
N THR A 334 -0.64 -18.88 -16.96
CA THR A 334 -0.58 -19.91 -15.91
C THR A 334 -1.92 -20.62 -15.73
N GLN A 335 -3.02 -19.89 -15.79
CA GLN A 335 -4.35 -20.46 -15.61
C GLN A 335 -4.72 -21.41 -16.74
N PHE A 336 -4.37 -21.05 -17.98
CA PHE A 336 -4.59 -21.92 -19.13
C PHE A 336 -3.51 -22.99 -19.25
N ASN A 337 -2.39 -22.81 -18.54
CA ASN A 337 -1.16 -23.59 -18.68
C ASN A 337 -0.67 -23.57 -20.12
N MET A 338 -0.67 -22.38 -20.70
CA MET A 338 -0.37 -22.14 -22.09
C MET A 338 0.66 -21.04 -22.20
N GLU A 339 1.69 -21.27 -23.01
CA GLU A 339 2.69 -20.29 -23.42
C GLU A 339 3.39 -19.63 -22.22
N VAL A 340 3.50 -20.37 -21.11
CA VAL A 340 3.83 -19.76 -19.82
C VAL A 340 5.20 -19.09 -19.86
N GLU A 341 6.22 -19.78 -20.35
CA GLU A 341 7.58 -19.23 -20.34
C GLU A 341 7.67 -17.96 -21.17
N ILE A 342 7.14 -18.02 -22.39
CA ILE A 342 7.19 -16.88 -23.29
C ILE A 342 6.46 -15.69 -22.68
N ILE A 343 5.27 -15.92 -22.16
CA ILE A 343 4.46 -14.82 -21.63
C ILE A 343 5.09 -14.25 -20.36
N THR A 344 5.56 -15.11 -19.45
CA THR A 344 6.16 -14.63 -18.21
C THR A 344 7.48 -13.91 -18.49
N SER A 345 8.40 -14.56 -19.21
CA SER A 345 9.64 -13.91 -19.61
C SER A 345 9.36 -12.59 -20.29
N GLY A 346 8.44 -12.62 -21.26
CA GLY A 346 8.16 -11.43 -22.04
C GLY A 346 7.59 -10.31 -21.20
N MET A 347 6.77 -10.64 -20.21
CA MET A 347 6.22 -9.64 -19.31
C MET A 347 7.32 -9.00 -18.47
N VAL A 348 8.21 -9.82 -17.92
CA VAL A 348 9.37 -9.31 -17.18
C VAL A 348 10.22 -8.40 -18.05
N ILE A 349 10.56 -8.87 -19.25
CA ILE A 349 11.47 -8.12 -20.12
C ILE A 349 10.79 -6.85 -20.61
N SER A 350 9.51 -6.94 -20.96
CA SER A 350 8.72 -5.78 -21.30
C SER A 350 8.77 -4.74 -20.20
N THR A 351 8.66 -5.17 -18.94
CA THR A 351 8.73 -4.26 -17.81
C THR A 351 10.08 -3.55 -17.75
N PHE A 352 11.17 -4.31 -17.81
CA PHE A 352 12.50 -3.71 -17.79
C PHE A 352 12.69 -2.73 -18.95
N VAL A 353 12.29 -3.14 -20.16
CA VAL A 353 12.53 -2.38 -21.39
C VAL A 353 11.63 -1.15 -21.45
N SER A 354 10.47 -1.19 -20.81
CA SER A 354 9.59 -0.03 -20.81
C SER A 354 10.24 1.17 -20.16
N ALA A 355 11.01 0.96 -19.10
CA ALA A 355 11.58 2.07 -18.33
C ALA A 355 12.36 3.01 -19.25
N PRO A 356 13.40 2.56 -19.97
CA PRO A 356 14.05 3.47 -20.91
C PRO A 356 13.13 3.95 -22.01
N ILE A 357 12.25 3.11 -22.57
CA ILE A 357 11.45 3.58 -23.69
C ILE A 357 10.47 4.67 -23.24
N MET A 358 9.84 4.50 -22.07
CA MET A 358 8.99 5.56 -21.51
C MET A 358 9.76 6.86 -21.41
N TYR A 359 10.91 6.81 -20.73
CA TYR A 359 11.71 8.01 -20.50
C TYR A 359 12.09 8.69 -21.82
N VAL A 360 12.66 7.89 -22.72
CA VAL A 360 13.21 8.36 -23.98
C VAL A 360 12.10 8.96 -24.84
N SER A 361 10.96 8.28 -24.90
CA SER A 361 9.84 8.73 -25.70
C SER A 361 9.28 10.04 -25.17
N ALA A 362 9.06 10.11 -23.86
CA ALA A 362 8.45 11.30 -23.29
C ALA A 362 9.28 12.54 -23.57
N TRP A 363 10.60 12.42 -23.42
CA TRP A 363 11.47 13.54 -23.75
C TRP A 363 11.45 13.85 -25.24
N LEU A 364 11.58 12.82 -26.06
CA LEU A 364 11.56 12.98 -27.51
C LEU A 364 10.28 13.68 -27.98
N LEU A 365 9.15 13.36 -27.37
CA LEU A 365 7.87 13.99 -27.68
C LEU A 365 7.80 15.42 -27.15
N THR A 366 8.55 15.72 -26.09
CA THR A 366 8.61 17.09 -25.54
C THR A 366 9.51 18.00 -26.37
N PHE A 367 10.58 17.45 -26.94
CA PHE A 367 11.60 18.24 -27.64
C PHE A 367 11.05 19.18 -28.70
N PRO A 368 10.12 18.80 -29.60
CA PRO A 368 9.63 19.76 -30.59
C PRO A 368 8.90 20.96 -29.99
N THR A 369 8.53 20.92 -28.71
CA THR A 369 7.96 22.10 -28.05
C THR A 369 9.03 23.02 -27.47
N MET A 370 10.21 22.48 -27.19
CA MET A 370 11.22 23.25 -26.49
C MET A 370 11.99 24.14 -27.47
N ASP A 371 12.53 25.24 -26.95
CA ASP A 371 13.40 26.08 -27.74
C ASP A 371 14.77 25.43 -27.79
N PRO A 372 15.63 25.83 -28.73
CA PRO A 372 16.87 25.06 -28.92
C PRO A 372 17.76 25.03 -27.70
N LYS A 373 17.83 26.10 -26.97
CA LYS A 373 18.71 26.10 -25.83
C LYS A 373 18.09 25.26 -24.72
N PRO A 374 16.84 25.48 -24.30
CA PRO A 374 16.27 24.59 -23.29
C PRO A 374 16.28 23.13 -23.72
N LEU A 375 16.35 22.85 -25.02
CA LEU A 375 16.54 21.48 -25.48
C LEU A 375 17.94 20.97 -25.13
N ALA A 376 18.98 21.80 -25.29
CA ALA A 376 20.30 21.39 -24.82
C ALA A 376 20.29 21.11 -23.32
N TYR A 377 19.66 22.00 -22.54
CA TYR A 377 19.60 21.79 -21.10
C TYR A 377 18.82 20.52 -20.77
N ALA A 378 17.74 20.26 -21.51
CA ALA A 378 16.98 19.03 -21.37
C ALA A 378 17.85 17.80 -21.62
N ILE A 379 18.68 17.85 -22.65
CA ILE A 379 19.54 16.72 -22.96
C ILE A 379 20.57 16.52 -21.85
N GLN A 380 21.09 17.59 -21.27
CA GLN A 380 22.03 17.40 -20.17
C GLN A 380 21.31 16.87 -18.92
N ASN A 381 20.07 17.29 -18.69
CA ASN A 381 19.25 16.72 -17.62
C ASN A 381 19.04 15.22 -17.81
N VAL A 382 18.57 14.84 -19.00
CA VAL A 382 18.43 13.44 -19.42
C VAL A 382 19.70 12.67 -19.13
N SER A 383 20.81 13.24 -19.55
CA SER A 383 22.10 12.58 -19.40
C SER A 383 22.45 12.38 -17.94
N PHE A 384 22.15 13.37 -17.10
CA PHE A 384 22.37 13.25 -15.66
C PHE A 384 21.52 12.14 -15.05
N ASP A 385 20.22 12.15 -15.35
CA ASP A 385 19.30 11.15 -14.84
C ASP A 385 19.77 9.74 -15.21
N ILE A 386 20.07 9.55 -16.50
CA ILE A 386 20.51 8.27 -16.99
C ILE A 386 21.84 7.88 -16.38
N SER A 387 22.72 8.86 -16.17
CA SER A 387 23.99 8.61 -15.51
C SER A 387 23.79 8.02 -14.13
N ILE A 388 22.78 8.48 -13.41
CA ILE A 388 22.55 7.96 -12.06
C ILE A 388 22.11 6.49 -12.11
N VAL A 389 21.08 6.16 -12.88
CA VAL A 389 20.64 4.75 -12.89
C VAL A 389 21.76 3.85 -13.43
N SER A 390 22.43 4.31 -14.47
CA SER A 390 23.53 3.57 -15.06
C SER A 390 24.67 3.40 -14.07
N LEU A 391 25.06 4.47 -13.38
CA LEU A 391 26.14 4.42 -12.40
C LEU A 391 25.85 3.41 -11.31
N ILE A 392 24.63 3.43 -10.78
CA ILE A 392 24.27 2.51 -9.70
C ILE A 392 24.27 1.08 -10.21
N SER A 393 23.68 0.86 -11.39
CA SER A 393 23.64 -0.47 -11.99
C SER A 393 25.03 -0.98 -12.34
N LEU A 394 25.94 -0.08 -12.67
CA LEU A 394 27.33 -0.41 -12.93
C LEU A 394 28.07 -0.74 -11.66
N ILE A 395 27.95 0.10 -10.64
CA ILE A 395 28.60 -0.17 -9.35
C ILE A 395 28.17 -1.56 -8.84
N TRP A 396 26.88 -1.87 -8.96
CA TRP A 396 26.40 -3.21 -8.61
C TRP A 396 27.05 -4.28 -9.47
N SER A 397 27.00 -4.11 -10.79
CA SER A 397 27.52 -5.14 -11.69
C SER A 397 29.02 -5.35 -11.49
N LEU A 398 29.76 -4.27 -11.27
CA LEU A 398 31.16 -4.38 -10.91
C LEU A 398 31.33 -5.18 -9.64
N ALA A 399 30.57 -4.84 -8.59
CA ALA A 399 30.70 -5.52 -7.32
C ALA A 399 30.43 -7.01 -7.46
N ILE A 400 29.46 -7.37 -8.29
CA ILE A 400 29.19 -8.78 -8.57
C ILE A 400 30.37 -9.41 -9.32
N LEU A 401 30.84 -8.78 -10.40
CA LEU A 401 31.95 -9.36 -11.17
C LEU A 401 33.23 -9.46 -10.34
N LEU A 402 33.44 -8.53 -9.41
CA LEU A 402 34.58 -8.56 -8.52
C LEU A 402 34.44 -9.66 -7.46
N LEU A 403 33.39 -9.59 -6.64
CA LEU A 403 33.24 -10.50 -5.51
C LEU A 403 32.99 -11.93 -5.97
N SER A 404 32.31 -12.14 -7.11
CA SER A 404 32.18 -13.46 -7.72
C SER A 404 33.49 -13.98 -8.30
N LYS A 405 34.51 -13.12 -8.38
CA LYS A 405 35.79 -13.34 -9.02
C LYS A 405 35.68 -13.69 -10.50
N LYS A 406 34.49 -13.51 -11.09
CA LYS A 406 34.32 -13.60 -12.54
C LYS A 406 35.30 -12.68 -13.28
N TYR A 407 35.66 -11.56 -12.68
CA TYR A 407 36.59 -10.63 -13.32
C TYR A 407 37.96 -11.23 -13.62
N LYS A 408 38.26 -12.43 -13.12
CA LYS A 408 39.49 -13.13 -13.47
C LYS A 408 39.34 -14.07 -14.66
N GLN A 409 38.10 -14.36 -15.07
CA GLN A 409 37.77 -15.29 -16.13
C GLN A 409 37.55 -14.56 -17.45
N LEU A 410 37.66 -15.30 -18.55
CA LEU A 410 37.45 -14.74 -19.89
C LEU A 410 36.10 -15.23 -20.43
N PRO A 411 35.26 -14.36 -21.01
CA PRO A 411 35.48 -12.93 -21.33
C PRO A 411 35.07 -11.94 -20.23
N HIS A 412 34.84 -12.42 -19.00
CA HIS A 412 34.33 -11.58 -17.93
C HIS A 412 35.31 -10.49 -17.48
N MET A 413 36.61 -10.75 -17.57
CA MET A 413 37.63 -9.71 -17.36
C MET A 413 37.43 -8.54 -18.31
N LEU A 414 37.28 -8.85 -19.60
CA LEU A 414 37.05 -7.82 -20.60
C LEU A 414 35.72 -7.12 -20.37
N THR A 415 34.70 -7.87 -19.94
CA THR A 415 33.42 -7.26 -19.56
C THR A 415 33.59 -6.29 -18.38
N THR A 416 34.46 -6.63 -17.43
CA THR A 416 34.69 -5.73 -16.30
C THR A 416 35.34 -4.42 -16.76
N ASN A 417 36.27 -4.51 -17.70
CA ASN A 417 36.90 -3.31 -18.24
C ASN A 417 35.87 -2.38 -18.90
N LEU A 418 35.00 -2.97 -19.72
CA LEU A 418 33.85 -2.24 -20.26
C LEU A 418 33.09 -1.49 -19.17
N LEU A 419 32.73 -2.19 -18.09
CA LEU A 419 31.87 -1.56 -17.10
C LEU A 419 32.60 -0.48 -16.30
N ILE A 420 33.90 -0.64 -16.04
CA ILE A 420 34.68 0.43 -15.45
C ILE A 420 34.58 1.68 -16.31
N ALA A 421 34.82 1.53 -17.62
CA ALA A 421 34.68 2.63 -18.56
C ALA A 421 33.29 3.27 -18.52
N GLN A 422 32.25 2.43 -18.51
CA GLN A 422 30.88 2.94 -18.42
C GLN A 422 30.64 3.71 -17.10
N SER A 423 31.25 3.25 -16.01
CA SER A 423 31.07 3.93 -14.72
C SER A 423 31.70 5.31 -14.75
N ILE A 424 32.89 5.38 -15.34
CA ILE A 424 33.60 6.65 -15.45
C ILE A 424 32.81 7.61 -16.33
N VAL A 425 32.19 7.11 -17.40
CA VAL A 425 31.30 7.91 -18.23
C VAL A 425 30.16 8.49 -17.41
N CYS A 426 29.58 7.69 -16.51
CA CYS A 426 28.43 8.20 -15.75
C CYS A 426 28.85 9.25 -14.73
N ALA A 427 29.93 9.00 -14.01
CA ALA A 427 30.48 10.03 -13.13
C ALA A 427 30.88 11.28 -13.90
N GLY A 428 31.55 11.09 -15.04
CA GLY A 428 31.99 12.22 -15.84
C GLY A 428 30.84 13.07 -16.32
N MET A 429 29.73 12.44 -16.68
CA MET A 429 28.55 13.19 -17.08
C MET A 429 27.92 13.92 -15.90
N MET A 430 27.83 13.27 -14.74
CA MET A 430 27.33 13.98 -13.56
C MET A 430 28.22 15.18 -13.21
N ILE A 431 29.54 15.04 -13.40
CA ILE A 431 30.44 16.16 -13.18
C ILE A 431 30.23 17.24 -14.25
N TRP A 432 30.09 16.84 -15.52
CA TRP A 432 29.91 17.80 -16.61
C TRP A 432 28.67 18.64 -16.42
N ASN A 433 27.62 18.06 -15.82
CA ASN A 433 26.37 18.78 -15.57
C ASN A 433 26.59 20.06 -14.75
N PHE A 434 27.69 20.16 -14.03
CA PHE A 434 28.08 21.34 -13.29
C PHE A 434 29.27 22.04 -13.91
N VAL A 435 30.25 21.27 -14.41
CA VAL A 435 31.45 21.85 -14.96
C VAL A 435 31.20 22.52 -16.31
N LYS A 436 30.05 22.26 -16.95
CA LYS A 436 29.62 23.03 -18.13
C LYS A 436 29.42 24.52 -17.83
N GLU A 437 29.25 24.89 -16.57
CA GLU A 437 29.19 26.28 -16.14
C GLU A 437 30.55 26.82 -15.67
N LYS A 438 31.48 25.93 -15.31
CA LYS A 438 32.77 26.28 -14.72
C LYS A 438 33.85 26.48 -15.79
N ASN A 439 35.05 26.84 -15.33
CA ASN A 439 36.17 27.28 -16.15
C ASN A 439 36.75 26.14 -17.02
N PHE A 440 37.49 26.53 -18.06
CA PHE A 440 38.06 25.58 -19.03
C PHE A 440 38.97 24.55 -18.37
N VAL A 441 39.71 24.93 -17.33
CA VAL A 441 40.61 23.98 -16.65
C VAL A 441 39.83 22.81 -16.06
N GLY A 442 38.58 23.05 -15.65
CA GLY A 442 37.73 21.96 -15.22
C GLY A 442 37.17 21.19 -16.40
N GLN A 443 36.63 21.92 -17.38
CA GLN A 443 35.96 21.30 -18.52
C GLN A 443 36.88 20.35 -19.27
N ILE A 444 38.12 20.75 -19.53
CA ILE A 444 39.02 19.93 -20.32
C ILE A 444 39.28 18.60 -19.61
N LEU A 445 39.57 18.67 -18.31
CA LEU A 445 39.81 17.46 -17.54
C LEU A 445 38.57 16.56 -17.51
N VAL A 446 37.40 17.15 -17.27
CA VAL A 446 36.16 16.40 -17.21
C VAL A 446 35.81 15.80 -18.56
N PHE A 447 36.04 16.55 -19.63
CA PHE A 447 35.87 16.02 -20.97
C PHE A 447 36.86 14.88 -21.23
N VAL A 448 38.13 15.04 -20.86
CA VAL A 448 39.13 14.01 -21.13
C VAL A 448 38.72 12.72 -20.46
N LEU A 449 38.37 12.81 -19.18
CA LEU A 449 37.78 11.70 -18.45
C LEU A 449 36.63 11.08 -19.23
N LEU A 450 35.67 11.93 -19.59
CA LEU A 450 34.40 11.47 -20.13
C LEU A 450 34.58 10.81 -21.50
N TYR A 451 35.44 11.36 -22.35
CA TYR A 451 35.56 10.83 -23.70
C TYR A 451 36.63 9.76 -23.83
N SER A 452 37.67 9.77 -23.00
CA SER A 452 38.53 8.59 -22.93
C SER A 452 37.71 7.39 -22.49
N SER A 453 36.95 7.54 -21.41
CA SER A 453 36.13 6.43 -20.94
C SER A 453 35.01 6.09 -21.91
N LEU A 454 34.42 7.08 -22.60
CA LEU A 454 33.34 6.78 -23.54
C LEU A 454 33.87 6.04 -24.77
N TYR A 455 34.95 6.55 -25.36
CA TYR A 455 35.58 5.84 -26.45
C TYR A 455 35.96 4.44 -26.02
N SER A 456 36.46 4.31 -24.79
CA SER A 456 36.76 3.00 -24.22
C SER A 456 35.53 2.10 -24.21
N THR A 457 34.34 2.62 -23.87
CA THR A 457 33.15 1.76 -23.92
C THR A 457 32.90 1.23 -25.32
N TYR A 458 33.10 2.07 -26.33
CA TYR A 458 32.93 1.60 -27.71
C TYR A 458 33.97 0.52 -28.07
N LEU A 459 35.24 0.84 -27.80
CA LEU A 459 36.33 -0.08 -28.11
C LEU A 459 36.13 -1.40 -27.40
N TRP A 460 35.70 -1.37 -26.14
CA TRP A 460 35.46 -2.59 -25.38
C TRP A 460 34.32 -3.40 -25.95
N THR A 461 33.29 -2.77 -26.53
CA THR A 461 32.30 -3.55 -27.28
C THR A 461 32.97 -4.36 -28.39
N GLY A 462 33.86 -3.72 -29.13
CA GLY A 462 34.59 -4.46 -30.17
C GLY A 462 35.48 -5.57 -29.60
N LEU A 463 36.28 -5.23 -28.59
CA LEU A 463 37.23 -6.16 -27.98
C LEU A 463 36.53 -7.34 -27.32
N LEU A 464 35.36 -7.09 -26.73
CA LEU A 464 34.56 -8.17 -26.17
C LEU A 464 34.08 -9.11 -27.27
N ALA A 465 33.46 -8.56 -28.33
CA ALA A 465 32.93 -9.39 -29.41
C ALA A 465 34.01 -10.25 -30.07
N ILE A 466 35.19 -9.67 -30.34
CA ILE A 466 36.26 -10.46 -30.95
C ILE A 466 36.74 -11.54 -29.99
N SER A 467 36.75 -11.25 -28.68
CA SER A 467 37.07 -12.30 -27.74
C SER A 467 36.04 -13.42 -27.71
N LEU A 468 34.77 -13.10 -27.95
CA LEU A 468 33.77 -14.18 -28.03
C LEU A 468 34.05 -15.09 -29.22
N PHE A 469 34.40 -14.51 -30.36
CA PHE A 469 34.87 -15.32 -31.50
C PHE A 469 36.07 -16.19 -31.11
N LEU A 470 37.08 -15.60 -30.48
CA LEU A 470 38.29 -16.33 -30.14
C LEU A 470 38.05 -17.41 -29.08
N LEU A 471 37.08 -17.22 -28.19
CA LEU A 471 36.72 -18.23 -27.19
C LEU A 471 35.77 -19.28 -27.75
N LYS A 472 35.00 -18.94 -28.78
CA LYS A 472 34.06 -19.86 -29.43
C LYS A 472 34.78 -20.76 -30.44
N VAL A 477 43.53 -21.11 -27.94
CA VAL A 477 43.88 -19.74 -28.24
C VAL A 477 43.91 -18.90 -26.96
N GLN A 478 45.10 -18.70 -26.40
CA GLN A 478 45.25 -17.73 -25.31
C GLN A 478 45.08 -16.34 -25.92
N ILE A 479 43.92 -15.72 -25.69
CA ILE A 479 43.70 -14.39 -26.27
C ILE A 479 44.68 -13.40 -25.64
N PRO A 480 45.20 -12.44 -26.38
CA PRO A 480 46.31 -11.59 -25.89
C PRO A 480 45.83 -10.50 -24.93
N VAL A 481 45.53 -10.91 -23.69
CA VAL A 481 44.80 -10.05 -22.75
C VAL A 481 45.53 -8.73 -22.48
N GLY A 482 46.86 -8.76 -22.33
CA GLY A 482 47.59 -7.52 -22.10
C GLY A 482 47.46 -6.52 -23.23
N ILE A 483 47.51 -7.04 -24.48
CA ILE A 483 47.35 -6.20 -25.66
C ILE A 483 45.90 -5.72 -25.78
N ILE A 484 44.93 -6.61 -25.52
CA ILE A 484 43.51 -6.23 -25.57
C ILE A 484 43.20 -5.15 -24.54
N ILE A 485 43.84 -5.21 -23.36
CA ILE A 485 43.60 -4.22 -22.32
C ILE A 485 44.17 -2.85 -22.72
N ILE A 486 45.43 -2.80 -23.18
CA ILE A 486 45.93 -1.47 -23.60
C ILE A 486 45.18 -0.97 -24.85
N SER A 487 44.69 -1.89 -25.68
CA SER A 487 43.84 -1.52 -26.82
C SER A 487 42.55 -0.85 -26.36
N GLY A 488 41.99 -1.29 -25.24
CA GLY A 488 40.79 -0.70 -24.69
C GLY A 488 40.97 0.54 -23.82
N TRP A 489 42.20 0.97 -23.57
CA TRP A 489 42.45 2.05 -22.61
C TRP A 489 43.52 3.04 -23.03
N GLY A 490 44.65 2.56 -23.55
CA GLY A 490 45.65 3.47 -24.11
C GLY A 490 45.17 4.14 -25.39
N ILE A 491 44.61 3.35 -26.32
CA ILE A 491 44.13 3.90 -27.60
C ILE A 491 43.08 5.01 -27.42
N PRO A 492 42.07 4.88 -26.56
CA PRO A 492 41.14 6.01 -26.39
C PRO A 492 41.76 7.21 -25.70
N ALA A 493 42.70 7.01 -24.78
CA ALA A 493 43.43 8.14 -24.19
C ALA A 493 44.29 8.85 -25.23
N LEU A 494 44.91 8.09 -26.14
CA LEU A 494 45.64 8.66 -27.26
C LEU A 494 44.72 9.45 -28.18
N LEU A 495 43.54 8.90 -28.50
CA LEU A 495 42.58 9.60 -29.37
C LEU A 495 42.09 10.90 -28.73
N VAL A 496 41.82 10.89 -27.43
CA VAL A 496 41.50 12.13 -26.74
C VAL A 496 42.70 13.07 -26.74
N GLY A 497 43.90 12.54 -26.62
CA GLY A 497 45.09 13.35 -26.80
C GLY A 497 45.11 14.05 -28.13
N VAL A 498 44.73 13.34 -29.20
CA VAL A 498 44.63 13.95 -30.52
C VAL A 498 43.63 15.10 -30.48
N LEU A 499 42.61 15.03 -29.63
CA LEU A 499 41.75 16.21 -29.47
C LEU A 499 42.46 17.36 -28.75
N LEU A 500 43.13 17.07 -27.64
CA LEU A 500 43.91 18.12 -26.94
C LEU A 500 44.97 18.73 -27.85
N ILE A 501 45.46 17.95 -28.81
CA ILE A 501 46.48 18.40 -29.77
C ILE A 501 45.84 19.25 -30.88
N THR A 502 44.82 18.71 -31.55
CA THR A 502 44.30 19.26 -32.79
C THR A 502 43.07 20.15 -32.63
N GLY A 503 42.30 20.01 -31.55
CA GLY A 503 40.94 20.50 -31.54
C GLY A 503 40.77 21.96 -31.13
N LYS A 504 39.61 22.51 -31.49
CA LYS A 504 39.17 23.82 -31.01
C LYS A 504 38.25 23.65 -29.81
N HIS A 505 38.64 24.26 -28.68
CA HIS A 505 37.95 24.16 -27.40
C HIS A 505 36.69 25.02 -27.40
N ASN A 506 35.53 24.38 -27.33
CA ASN A 506 34.24 25.08 -27.38
C ASN A 506 33.60 25.11 -25.98
N GLY A 507 34.19 25.93 -25.10
CA GLY A 507 33.78 26.01 -23.71
C GLY A 507 32.39 26.57 -23.48
N ASP A 508 31.81 27.26 -24.48
CA ASP A 508 30.44 27.74 -24.40
C ASP A 508 29.41 26.64 -24.61
N SER A 509 29.81 25.46 -25.11
CA SER A 509 28.86 24.41 -25.44
C SER A 509 28.30 23.75 -24.19
N ILE A 510 26.98 23.54 -24.19
CA ILE A 510 26.28 22.88 -23.10
C ILE A 510 26.48 21.37 -23.16
N ASP A 511 26.73 20.83 -24.35
CA ASP A 511 26.88 19.40 -24.60
C ASP A 511 28.34 19.07 -24.90
N SER A 512 28.92 18.21 -24.06
CA SER A 512 30.30 17.77 -24.21
C SER A 512 30.58 17.05 -25.53
N ALA A 513 29.54 16.59 -26.23
CA ALA A 513 29.73 15.94 -27.53
C ALA A 513 30.30 16.87 -28.59
N PHE A 514 30.28 18.18 -28.35
CA PHE A 514 30.80 19.18 -29.27
C PHE A 514 31.90 20.01 -28.66
N PHE A 515 32.47 19.55 -27.55
CA PHE A 515 33.48 20.32 -26.82
C PHE A 515 34.73 20.55 -27.67
N TYR A 516 35.13 19.57 -28.48
CA TYR A 516 36.20 19.79 -29.45
C TYR A 516 35.68 19.69 -30.89
N GLY A 517 34.40 20.04 -31.10
CA GLY A 517 33.87 20.35 -32.42
C GLY A 517 34.05 19.24 -33.45
N LYS A 518 34.38 19.67 -34.68
CA LYS A 518 34.60 18.73 -35.77
C LYS A 518 35.61 17.67 -35.41
N GLU A 519 36.70 18.07 -34.77
CA GLU A 519 37.74 17.10 -34.43
C GLU A 519 37.18 16.03 -33.49
N GLN A 520 36.37 16.44 -32.53
CA GLN A 520 35.72 15.46 -31.66
C GLN A 520 34.80 14.57 -32.46
N MET A 521 34.00 15.14 -33.36
CA MET A 521 33.09 14.29 -34.14
C MET A 521 33.87 13.32 -35.01
N ILE A 522 35.00 13.75 -35.57
CA ILE A 522 35.86 12.86 -36.34
C ILE A 522 36.41 11.78 -35.42
N THR A 523 36.99 12.17 -34.29
CA THR A 523 37.59 11.21 -33.36
C THR A 523 36.56 10.21 -32.87
N THR A 524 35.39 10.70 -32.51
CA THR A 524 34.28 9.85 -32.09
C THR A 524 33.88 8.90 -33.21
N ALA A 525 33.68 9.43 -34.42
CA ALA A 525 33.31 8.59 -35.56
C ALA A 525 34.36 7.53 -35.83
N VAL A 526 35.63 7.91 -35.86
CA VAL A 526 36.73 6.98 -36.13
C VAL A 526 36.72 5.87 -35.09
N THR A 527 36.59 6.23 -33.81
CA THR A 527 36.46 5.24 -32.74
C THR A 527 35.30 4.28 -33.00
N LEU A 528 34.14 4.82 -33.37
CA LEU A 528 32.94 4.00 -33.57
C LEU A 528 33.07 3.12 -34.80
N PHE A 529 33.58 3.68 -35.89
CA PHE A 529 33.80 2.96 -37.14
C PHE A 529 34.69 1.75 -36.90
N CYS A 530 35.79 1.96 -36.18
CA CYS A 530 36.65 0.86 -35.75
C CYS A 530 35.87 -0.17 -34.94
N SER A 531 35.23 0.27 -33.86
CA SER A 531 34.63 -0.69 -32.92
C SER A 531 33.45 -1.43 -33.53
N ILE A 532 32.67 -0.81 -34.39
CA ILE A 532 31.58 -1.51 -35.06
C ILE A 532 32.12 -2.54 -36.03
N LEU A 533 33.16 -2.20 -36.80
CA LEU A 533 33.71 -3.20 -37.73
C LEU A 533 34.31 -4.38 -36.98
N ILE A 534 35.10 -4.10 -35.93
CA ILE A 534 35.66 -5.17 -35.11
C ILE A 534 34.54 -6.06 -34.54
N ALA A 535 33.51 -5.44 -33.95
CA ALA A 535 32.43 -6.19 -33.34
C ALA A 535 31.65 -7.01 -34.38
N GLY A 536 31.17 -6.36 -35.44
CA GLY A 536 30.35 -7.03 -36.42
C GLY A 536 31.06 -8.18 -37.11
N ILE A 537 32.30 -7.93 -37.58
CA ILE A 537 33.09 -8.99 -38.19
C ILE A 537 33.32 -10.14 -37.20
N SER A 538 33.45 -9.84 -35.90
CA SER A 538 33.64 -10.90 -34.92
C SER A 538 32.38 -11.75 -34.74
N LEU A 539 31.21 -11.11 -34.61
CA LEU A 539 29.99 -11.89 -34.47
C LEU A 539 29.67 -12.65 -35.75
N MET A 540 30.03 -12.10 -36.91
CA MET A 540 29.98 -12.85 -38.16
C MET A 540 30.90 -14.07 -38.10
N CYS A 541 32.14 -13.89 -37.62
CA CYS A 541 33.07 -15.01 -37.48
C CYS A 541 32.56 -16.06 -36.50
N MET A 542 31.78 -15.68 -35.49
CA MET A 542 31.12 -16.66 -34.61
C MET A 542 30.08 -17.46 -35.37
N ASP A 652 31.05 -19.71 -14.98
CA ASP A 652 30.67 -20.17 -16.31
C ASP A 652 30.84 -19.05 -17.37
N GLN A 653 31.09 -19.44 -18.62
CA GLN A 653 31.63 -18.52 -19.62
C GLN A 653 30.58 -17.61 -20.26
N GLN A 654 29.30 -17.99 -20.23
CA GLN A 654 28.15 -17.13 -20.56
C GLN A 654 28.21 -16.46 -21.94
N LEU A 655 28.80 -17.14 -22.93
CA LEU A 655 29.03 -16.53 -24.25
C LEU A 655 27.74 -15.99 -24.88
N THR A 656 26.61 -16.70 -24.74
CA THR A 656 25.37 -16.20 -25.33
C THR A 656 24.95 -14.87 -24.73
N ARG A 657 25.14 -14.68 -23.42
CA ARG A 657 24.83 -13.40 -22.80
C ARG A 657 25.81 -12.32 -23.22
N HIS A 658 27.09 -12.67 -23.42
CA HIS A 658 28.04 -11.67 -23.90
C HIS A 658 27.74 -11.29 -25.35
N VAL A 659 27.27 -12.24 -26.15
CA VAL A 659 26.79 -11.94 -27.49
C VAL A 659 25.63 -10.97 -27.43
N LEU A 660 24.67 -11.22 -26.54
CA LEU A 660 23.55 -10.32 -26.38
C LEU A 660 24.02 -8.92 -25.95
N LEU A 661 24.96 -8.86 -25.02
CA LEU A 661 25.52 -7.58 -24.62
C LEU A 661 26.15 -6.87 -25.80
N CYS A 662 26.97 -7.59 -26.57
CA CYS A 662 27.61 -6.98 -27.73
C CYS A 662 26.58 -6.55 -28.76
N LEU A 663 25.56 -7.36 -29.03
CA LEU A 663 24.53 -6.98 -29.99
C LEU A 663 23.88 -5.65 -29.60
N LEU A 664 23.48 -5.54 -28.34
CA LEU A 664 22.83 -4.29 -27.92
C LEU A 664 23.83 -3.12 -27.91
N LEU A 665 25.05 -3.36 -27.44
CA LEU A 665 26.01 -2.26 -27.43
C LEU A 665 26.40 -1.87 -28.85
N ILE A 666 26.46 -2.82 -29.78
CA ILE A 666 26.68 -2.53 -31.20
C ILE A 666 25.63 -1.58 -31.70
N ILE A 667 24.36 -1.86 -31.40
CA ILE A 667 23.27 -0.99 -31.85
C ILE A 667 23.45 0.43 -31.28
N GLY A 668 23.89 0.52 -30.03
CA GLY A 668 24.22 1.83 -29.47
C GLY A 668 25.40 2.52 -30.15
N LEU A 669 26.46 1.74 -30.45
CA LEU A 669 27.56 2.28 -31.24
C LEU A 669 27.06 2.80 -32.56
N PHE A 670 26.18 2.04 -33.20
CA PHE A 670 25.71 2.34 -34.54
C PHE A 670 24.90 3.64 -34.54
N ALA A 671 24.06 3.82 -33.53
CA ALA A 671 23.38 5.09 -33.36
C ALA A 671 24.39 6.23 -33.21
N ASN A 672 25.42 6.02 -32.38
CA ASN A 672 26.42 7.06 -32.16
C ASN A 672 27.20 7.38 -33.43
N LEU A 673 27.55 6.36 -34.19
CA LEU A 673 28.17 6.55 -35.49
C LEU A 673 27.27 7.40 -36.36
N SER A 674 25.97 7.08 -36.38
CA SER A 674 25.02 7.84 -37.17
C SER A 674 24.97 9.30 -36.73
N SER A 675 24.97 9.58 -35.42
CA SER A 675 25.01 10.97 -34.97
C SER A 675 26.25 11.68 -35.49
N CYS A 676 27.40 11.03 -35.36
CA CYS A 676 28.64 11.64 -35.81
C CYS A 676 28.63 11.88 -37.32
N LEU A 677 28.32 10.85 -38.10
CA LEU A 677 28.37 10.97 -39.55
C LEU A 677 27.27 11.88 -40.07
N TRP A 678 26.10 11.87 -39.43
CA TRP A 678 25.02 12.77 -39.82
C TRP A 678 25.42 14.21 -39.57
N TRP A 679 26.01 14.49 -38.40
CA TRP A 679 26.48 15.85 -38.12
C TRP A 679 27.67 16.23 -38.98
N LEU A 680 28.52 15.27 -39.36
CA LEU A 680 29.67 15.57 -40.18
C LEU A 680 29.27 15.83 -41.63
N PHE A 681 28.34 15.03 -42.17
CA PHE A 681 27.94 15.13 -43.58
C PHE A 681 26.89 16.23 -43.82
N ASN A 682 26.00 16.47 -42.86
CA ASN A 682 24.91 17.44 -43.04
C ASN A 682 25.16 18.75 -42.28
N ARG A 687 15.51 18.49 -36.78
CA ARG A 687 15.44 18.12 -35.38
C ARG A 687 15.61 16.60 -35.21
N LEU A 688 15.44 15.84 -36.30
CA LEU A 688 15.76 14.41 -36.31
C LEU A 688 17.22 14.16 -35.93
N TYR A 689 18.13 15.09 -36.27
CA TYR A 689 19.49 14.99 -35.76
C TYR A 689 19.54 15.17 -34.24
N VAL A 690 18.84 16.17 -33.69
CA VAL A 690 18.89 16.37 -32.23
C VAL A 690 18.24 15.20 -31.50
N GLU A 691 17.17 14.63 -32.06
CA GLU A 691 16.63 13.38 -31.55
C GLU A 691 17.70 12.29 -31.52
N LEU A 692 18.39 12.10 -32.65
CA LEU A 692 19.42 11.06 -32.72
C LEU A 692 20.57 11.37 -31.77
N GLN A 693 20.88 12.65 -31.57
CA GLN A 693 21.91 13.05 -30.62
C GLN A 693 21.51 12.70 -29.20
N PHE A 694 20.23 12.86 -28.89
CA PHE A 694 19.70 12.42 -27.61
C PHE A 694 19.76 10.90 -27.46
N PHE A 695 19.45 10.14 -28.52
CA PHE A 695 19.58 8.69 -28.42
C PHE A 695 21.03 8.30 -28.18
N CYS A 696 21.95 9.04 -28.77
CA CYS A 696 23.36 8.81 -28.51
C CYS A 696 23.70 9.09 -27.06
N ALA A 697 23.26 10.23 -26.52
CA ALA A 697 23.45 10.51 -25.09
C ALA A 697 22.86 9.41 -24.23
N VAL A 698 21.64 8.97 -24.57
CA VAL A 698 20.94 7.92 -23.82
C VAL A 698 21.79 6.66 -23.79
N PHE A 699 22.27 6.21 -24.95
CA PHE A 699 23.14 5.04 -24.97
C PHE A 699 24.44 5.30 -24.22
N ASN A 700 25.09 6.43 -24.50
CA ASN A 700 26.41 6.70 -23.96
C ASN A 700 26.40 6.68 -22.44
N PHE A 701 25.39 7.28 -21.83
CA PHE A 701 25.32 7.29 -20.37
C PHE A 701 24.50 6.14 -19.81
N GLY A 702 23.69 5.45 -20.61
CA GLY A 702 22.82 4.40 -20.12
C GLY A 702 23.21 2.98 -20.46
N GLN A 703 24.27 2.81 -21.24
CA GLN A 703 24.78 1.49 -21.60
C GLN A 703 25.22 0.66 -20.40
N GLY A 704 25.57 1.31 -19.29
CA GLY A 704 25.79 0.56 -18.07
C GLY A 704 24.55 -0.18 -17.61
N PHE A 705 23.38 0.38 -17.88
CA PHE A 705 22.14 -0.29 -17.52
C PHE A 705 21.90 -1.51 -18.41
N ILE A 706 22.43 -1.51 -19.62
CA ILE A 706 22.37 -2.72 -20.45
C ILE A 706 23.30 -3.78 -19.88
N SER A 707 24.53 -3.38 -19.54
CA SER A 707 25.46 -4.28 -18.87
C SER A 707 24.83 -4.88 -17.62
N PHE A 708 24.12 -4.07 -16.84
CA PHE A 708 23.41 -4.56 -15.66
C PHE A 708 22.28 -5.51 -16.03
N GLY A 709 21.49 -5.16 -17.05
CA GLY A 709 20.39 -6.02 -17.46
C GLY A 709 20.81 -7.40 -17.92
N ILE A 710 22.08 -7.58 -18.25
CA ILE A 710 22.59 -8.87 -18.72
C ILE A 710 23.54 -9.53 -17.73
N PHE A 711 24.37 -8.77 -17.01
CA PHE A 711 25.33 -9.35 -16.07
C PHE A 711 25.18 -8.86 -14.64
N GLY A 712 24.43 -7.79 -14.40
CA GLY A 712 24.11 -7.41 -13.04
C GLY A 712 23.17 -8.41 -12.38
N LEU A 713 22.17 -8.87 -13.11
CA LEU A 713 21.15 -9.77 -12.58
C LEU A 713 21.59 -11.26 -12.61
N ASP A 714 22.89 -11.55 -12.65
CA ASP A 714 23.41 -12.92 -12.57
C ASP A 714 23.24 -13.48 -11.15
N LYS A 715 23.20 -14.81 -11.05
CA LYS A 715 22.89 -15.49 -9.79
C LYS A 715 24.09 -15.68 -8.87
N HIS A 716 25.33 -15.56 -9.39
CA HIS A 716 26.51 -15.84 -8.57
C HIS A 716 26.77 -14.75 -7.52
N LEU A 717 27.21 -15.19 -6.33
CA LEU A 717 27.45 -14.36 -5.16
C LEU A 717 28.60 -14.95 -4.33
N ILE A 718 29.23 -14.13 -3.48
CA ILE A 718 30.35 -14.61 -2.66
C ILE A 718 30.63 -13.70 -1.47
N ILE A 719 31.39 -14.25 -0.50
CA ILE A 719 31.91 -13.61 0.73
C ILE A 719 31.01 -12.56 1.36
N PRO B 35 -13.42 24.38 16.10
CA PRO B 35 -13.05 23.31 17.03
C PRO B 35 -11.66 22.74 16.78
N SER B 36 -11.05 22.23 17.85
CA SER B 36 -9.66 21.80 17.79
C SER B 36 -9.50 20.46 17.09
N MET B 37 -10.47 19.59 17.23
CA MET B 37 -10.54 18.32 16.51
C MET B 37 -11.59 18.45 15.42
N SER B 38 -11.24 18.07 14.20
CA SER B 38 -12.25 17.93 13.16
C SER B 38 -12.93 16.58 13.35
N ILE B 39 -13.77 16.55 14.38
CA ILE B 39 -14.29 15.31 14.98
C ILE B 39 -15.21 14.56 14.02
N THR B 40 -15.84 15.26 13.09
CA THR B 40 -16.67 14.63 12.08
C THR B 40 -15.87 13.76 11.11
N ARG B 41 -14.56 14.01 10.98
CA ARG B 41 -13.70 13.22 10.10
C ARG B 41 -13.26 11.91 10.74
N LEU B 42 -13.49 11.73 12.04
CA LEU B 42 -12.96 10.57 12.75
C LEU B 42 -13.66 9.27 12.33
N PHE B 43 -14.99 9.26 12.28
CA PHE B 43 -15.67 8.03 11.91
C PHE B 43 -15.30 7.55 10.51
N PRO B 44 -15.21 8.39 9.48
CA PRO B 44 -14.61 7.94 8.21
C PRO B 44 -13.24 7.32 8.37
N ALA B 45 -12.40 7.89 9.22
CA ALA B 45 -11.05 7.37 9.41
C ALA B 45 -11.06 6.04 10.16
N LEU B 46 -11.94 5.91 11.16
CA LEU B 46 -12.06 4.64 11.86
C LEU B 46 -12.60 3.55 10.95
N LEU B 47 -13.50 3.92 10.04
CA LEU B 47 -13.95 2.99 9.02
C LEU B 47 -12.84 2.64 8.04
N GLU B 48 -11.94 3.57 7.72
CA GLU B 48 -10.75 3.18 6.98
C GLU B 48 -9.92 2.17 7.77
N CYS B 49 -9.58 2.52 8.99
CA CYS B 49 -8.74 1.72 9.86
C CYS B 49 -9.31 0.33 10.10
N PHE B 50 -10.44 0.28 10.77
CA PHE B 50 -11.03 -0.99 11.15
C PHE B 50 -11.75 -1.65 9.99
N GLY B 51 -12.07 -0.93 8.91
CA GLY B 51 -12.55 -1.58 7.72
C GLY B 51 -11.46 -2.35 7.01
N ILE B 52 -10.26 -1.77 6.91
CA ILE B 52 -9.18 -2.50 6.25
C ILE B 52 -8.68 -3.64 7.15
N VAL B 53 -8.74 -3.45 8.47
CA VAL B 53 -8.49 -4.56 9.40
C VAL B 53 -9.51 -5.67 9.19
N LEU B 54 -10.79 -5.31 9.07
CA LEU B 54 -11.83 -6.29 8.83
C LEU B 54 -11.64 -6.99 7.50
N CYS B 55 -11.18 -6.27 6.48
CA CYS B 55 -10.82 -6.90 5.21
C CYS B 55 -9.73 -7.94 5.39
N GLY B 56 -8.64 -7.56 6.05
CA GLY B 56 -7.57 -8.52 6.29
C GLY B 56 -8.04 -9.72 7.10
N TYR B 57 -8.91 -9.47 8.06
CA TYR B 57 -9.46 -10.52 8.90
C TYR B 57 -10.32 -11.47 8.08
N ILE B 58 -11.26 -10.94 7.31
CA ILE B 58 -12.12 -11.76 6.45
C ILE B 58 -11.28 -12.54 5.45
N ALA B 59 -10.29 -11.89 4.86
CA ALA B 59 -9.42 -12.55 3.89
C ALA B 59 -8.67 -13.73 4.52
N GLY B 60 -8.20 -13.57 5.75
CA GLY B 60 -7.51 -14.68 6.40
C GLY B 60 -8.47 -15.76 6.84
N ARG B 61 -9.65 -15.38 7.31
CA ARG B 61 -10.64 -16.33 7.78
C ARG B 61 -11.23 -17.14 6.63
N ALA B 62 -11.26 -16.56 5.43
CA ALA B 62 -11.75 -17.19 4.22
C ALA B 62 -10.69 -18.02 3.47
N ASN B 63 -9.43 -17.99 3.93
CA ASN B 63 -8.28 -18.56 3.22
C ASN B 63 -8.15 -17.98 1.80
N VAL B 64 -8.52 -16.71 1.65
CA VAL B 64 -8.01 -15.92 0.55
C VAL B 64 -6.50 -15.75 0.70
N ILE B 65 -6.04 -15.57 1.93
CA ILE B 65 -4.62 -15.43 2.24
C ILE B 65 -4.31 -16.33 3.43
N THR B 66 -3.49 -17.36 3.20
CA THR B 66 -3.05 -18.29 4.23
C THR B 66 -2.01 -17.63 5.11
N SER B 67 -1.83 -18.15 6.32
CA SER B 67 -0.86 -17.59 7.26
C SER B 67 0.54 -17.47 6.65
N THR B 68 0.96 -18.46 5.86
CA THR B 68 2.26 -18.37 5.21
C THR B 68 2.27 -17.31 4.11
N GLN B 69 1.15 -17.13 3.41
CA GLN B 69 1.04 -16.07 2.42
C GLN B 69 1.02 -14.69 3.07
N ALA B 70 0.42 -14.58 4.27
CA ALA B 70 0.37 -13.31 4.98
C ALA B 70 1.74 -12.73 5.26
N LYS B 71 2.76 -13.59 5.36
CA LYS B 71 4.11 -13.14 5.67
C LYS B 71 4.69 -12.25 4.58
N GLY B 72 4.31 -12.47 3.31
CA GLY B 72 4.79 -11.59 2.26
C GLY B 72 4.26 -10.17 2.41
N LEU B 73 2.99 -10.05 2.78
CA LEU B 73 2.44 -8.74 3.11
C LEU B 73 3.14 -8.16 4.34
N GLY B 74 3.35 -8.98 5.37
CA GLY B 74 4.00 -8.50 6.58
C GLY B 74 5.44 -8.03 6.36
N ASN B 75 6.18 -8.74 5.51
CA ASN B 75 7.56 -8.37 5.25
C ASN B 75 7.63 -7.16 4.33
N PHE B 76 6.70 -7.02 3.38
CA PHE B 76 6.56 -5.77 2.66
C PHE B 76 6.33 -4.61 3.62
N VAL B 77 5.36 -4.77 4.52
CA VAL B 77 4.96 -3.71 5.44
C VAL B 77 6.13 -3.31 6.35
N SER B 78 6.75 -4.30 6.99
CA SER B 78 7.74 -3.99 8.02
C SER B 78 9.11 -3.64 7.45
N ARG B 79 9.50 -4.19 6.30
CA ARG B 79 10.85 -3.99 5.80
C ARG B 79 10.92 -3.01 4.62
N PHE B 80 9.79 -2.54 4.08
CA PHE B 80 9.86 -1.61 2.96
C PHE B 80 8.91 -0.44 3.14
N ALA B 81 7.62 -0.71 3.36
CA ALA B 81 6.64 0.38 3.42
C ALA B 81 6.84 1.24 4.67
N LEU B 82 6.99 0.61 5.84
CA LEU B 82 7.26 1.37 7.06
C LEU B 82 8.60 2.08 7.05
N PRO B 83 9.73 1.45 6.73
CA PRO B 83 10.99 2.20 6.74
C PRO B 83 10.99 3.39 5.79
N ALA B 84 10.31 3.29 4.65
CA ALA B 84 10.15 4.43 3.76
C ALA B 84 9.31 5.53 4.39
N LEU B 85 8.20 5.16 5.01
CA LEU B 85 7.33 6.13 5.69
C LEU B 85 8.09 6.88 6.78
N LEU B 86 8.77 6.12 7.64
CA LEU B 86 9.58 6.70 8.70
C LEU B 86 10.67 7.60 8.15
N PHE B 87 11.41 7.11 7.17
CA PHE B 87 12.53 7.88 6.64
C PHE B 87 12.06 9.21 6.07
N LYS B 88 11.00 9.19 5.24
CA LYS B 88 10.51 10.44 4.67
C LYS B 88 10.08 11.41 5.77
N ASN B 89 9.26 10.93 6.71
CA ASN B 89 8.72 11.84 7.70
C ASN B 89 9.81 12.35 8.64
N MET B 90 10.84 11.55 8.88
CA MET B 90 11.97 11.99 9.68
C MET B 90 12.78 13.06 8.98
N VAL B 91 13.02 12.88 7.67
CA VAL B 91 13.77 13.87 6.90
C VAL B 91 13.01 15.20 6.87
N VAL B 92 11.70 15.16 6.67
CA VAL B 92 10.87 16.36 6.53
C VAL B 92 10.72 17.13 7.84
N LEU B 93 10.88 16.45 8.97
CA LEU B 93 10.48 16.94 10.28
C LEU B 93 11.28 18.17 10.71
N ASN B 94 10.58 19.23 11.11
CA ASN B 94 11.19 20.48 11.51
C ASN B 94 11.45 20.43 13.01
N PHE B 95 12.67 20.02 13.41
CA PHE B 95 12.93 19.81 14.84
C PHE B 95 12.88 21.11 15.63
N SER B 96 13.13 22.25 14.99
CA SER B 96 13.06 23.54 15.67
C SER B 96 11.63 24.02 15.92
N ASN B 97 10.63 23.26 15.47
CA ASN B 97 9.22 23.59 15.67
C ASN B 97 8.46 22.43 16.30
N VAL B 98 9.13 21.64 17.14
CA VAL B 98 8.54 20.51 17.87
C VAL B 98 8.32 20.92 19.31
N ASP B 99 7.10 20.67 19.82
CA ASP B 99 6.81 20.83 21.25
C ASP B 99 7.39 19.63 21.98
N TRP B 100 8.63 19.79 22.43
CA TRP B 100 9.30 18.70 23.14
C TRP B 100 8.58 18.38 24.43
N SER B 101 7.90 19.36 25.03
CA SER B 101 7.16 19.11 26.26
C SER B 101 6.00 18.14 26.03
N PHE B 102 5.31 18.23 24.88
CA PHE B 102 4.35 17.19 24.55
C PHE B 102 5.00 15.81 24.55
N LEU B 103 6.14 15.68 23.85
CA LEU B 103 6.82 14.39 23.79
C LEU B 103 7.18 13.90 25.17
N TYR B 104 7.89 14.72 25.92
CA TYR B 104 8.25 14.40 27.29
C TYR B 104 7.04 13.91 28.05
N SER B 105 5.90 14.58 27.87
CA SER B 105 4.66 14.18 28.56
C SER B 105 4.24 12.77 28.20
N ILE B 106 4.23 12.46 26.90
CA ILE B 106 3.81 11.13 26.47
C ILE B 106 4.82 10.08 26.90
N LEU B 107 6.11 10.40 26.80
CA LEU B 107 7.17 9.45 27.12
C LEU B 107 7.23 9.21 28.61
N ILE B 108 6.94 10.24 29.41
CA ILE B 108 6.85 10.10 30.85
C ILE B 108 5.61 9.31 31.24
N ALA B 109 4.49 9.53 30.55
CA ALA B 109 3.31 8.71 30.79
C ALA B 109 3.58 7.24 30.46
N LYS B 110 4.25 6.97 29.34
CA LYS B 110 4.58 5.59 28.99
C LYS B 110 5.57 4.98 29.96
N ALA B 111 6.60 5.73 30.35
CA ALA B 111 7.53 5.24 31.36
C ALA B 111 6.83 4.95 32.68
N SER B 112 5.84 5.78 33.04
CA SER B 112 5.07 5.57 34.26
C SER B 112 4.25 4.28 34.17
N VAL B 113 3.51 4.11 33.08
CA VAL B 113 2.72 2.89 32.89
C VAL B 113 3.63 1.67 32.81
N PHE B 114 4.77 1.79 32.11
CA PHE B 114 5.77 0.73 32.04
C PHE B 114 6.25 0.35 33.43
N PHE B 115 6.62 1.35 34.22
CA PHE B 115 7.16 1.10 35.55
C PHE B 115 6.11 0.42 36.43
N ILE B 116 4.88 0.92 36.41
CA ILE B 116 3.78 0.34 37.18
C ILE B 116 3.58 -1.12 36.77
N VAL B 117 3.38 -1.38 35.48
CA VAL B 117 3.03 -2.73 35.05
C VAL B 117 4.20 -3.68 35.30
N CYS B 118 5.42 -3.21 35.08
CA CYS B 118 6.62 -4.00 35.34
C CYS B 118 6.71 -4.37 36.81
N VAL B 119 6.61 -3.38 37.70
CA VAL B 119 6.77 -3.62 39.13
C VAL B 119 5.66 -4.52 39.64
N LEU B 120 4.41 -4.23 39.25
CA LEU B 120 3.30 -5.07 39.67
C LEU B 120 3.47 -6.49 39.17
N THR B 121 3.99 -6.67 37.95
CA THR B 121 4.21 -8.03 37.46
C THR B 121 5.31 -8.72 38.26
N LEU B 122 6.38 -8.02 38.57
CA LEU B 122 7.46 -8.60 39.37
C LEU B 122 6.99 -8.96 40.76
N LEU B 123 6.03 -8.21 41.30
CA LEU B 123 5.47 -8.51 42.62
C LEU B 123 4.44 -9.65 42.55
N VAL B 124 3.53 -9.59 41.58
CA VAL B 124 2.34 -10.42 41.54
C VAL B 124 2.57 -11.76 40.84
N ALA B 125 3.46 -11.82 39.85
CA ALA B 125 3.56 -12.99 39.00
C ALA B 125 4.41 -14.11 39.62
N SER B 126 4.27 -15.31 39.07
CA SER B 126 4.98 -16.48 39.58
C SER B 126 6.45 -16.43 39.18
N PRO B 127 7.36 -16.87 40.07
CA PRO B 127 8.79 -16.64 39.82
C PRO B 127 9.30 -17.28 38.53
N ASP B 128 8.67 -18.35 38.06
CA ASP B 128 9.14 -19.07 36.89
C ASP B 128 8.96 -18.29 35.59
N SER B 129 8.07 -17.29 35.59
CA SER B 129 7.74 -16.55 34.38
C SER B 129 7.63 -15.05 34.60
N ARG B 130 7.99 -14.55 35.78
CA ARG B 130 7.75 -13.14 36.04
C ARG B 130 8.66 -12.25 35.22
N PHE B 131 9.81 -12.74 34.79
CA PHE B 131 10.67 -11.90 33.95
C PHE B 131 10.14 -11.81 32.52
N SER B 132 9.54 -12.87 31.98
CA SER B 132 8.87 -12.73 30.68
C SER B 132 7.64 -11.83 30.79
N LYS B 133 6.86 -11.99 31.85
CA LYS B 133 5.67 -11.17 32.02
C LYS B 133 6.06 -9.71 32.27
N ALA B 134 7.03 -9.46 33.14
CA ALA B 134 7.55 -8.12 33.39
C ALA B 134 8.40 -7.58 32.24
N GLY B 135 8.70 -8.40 31.25
CA GLY B 135 9.27 -7.90 30.01
C GLY B 135 8.20 -7.42 29.08
N LEU B 136 7.21 -8.28 28.81
CA LEU B 136 6.26 -8.04 27.74
C LEU B 136 5.02 -7.25 28.18
N PHE B 137 4.49 -7.53 29.37
CA PHE B 137 3.33 -6.77 29.86
C PHE B 137 3.57 -5.27 29.89
N PRO B 138 4.72 -4.74 30.33
CA PRO B 138 4.93 -3.29 30.27
C PRO B 138 5.02 -2.74 28.86
N ILE B 139 5.57 -3.53 27.92
CA ILE B 139 5.60 -3.14 26.52
C ILE B 139 4.19 -3.13 25.94
N PHE B 140 3.41 -4.16 26.26
CA PHE B 140 2.00 -4.22 25.87
C PHE B 140 1.23 -3.00 26.34
N ALA B 141 1.46 -2.56 27.57
CA ALA B 141 0.74 -1.43 28.12
C ALA B 141 1.18 -0.08 27.54
N THR B 142 2.27 -0.03 26.78
CA THR B 142 2.84 1.26 26.38
C THR B 142 3.08 1.38 24.88
N GLN B 143 3.33 0.28 24.18
CA GLN B 143 3.61 0.37 22.75
C GLN B 143 2.29 0.43 21.98
N SER B 144 2.05 1.56 21.34
CA SER B 144 0.82 1.86 20.63
C SER B 144 0.93 1.43 19.17
N ASN B 145 -0.20 1.12 18.57
CA ASN B 145 -0.27 0.99 17.12
C ASN B 145 -0.27 2.39 16.52
N ASP B 146 0.91 2.98 16.47
CA ASP B 146 1.05 4.39 16.18
C ASP B 146 0.93 4.68 14.69
N PHE B 147 1.57 3.85 13.88
CA PHE B 147 1.71 4.10 12.45
C PHE B 147 0.51 3.60 11.64
N ALA B 148 0.02 2.39 11.90
CA ALA B 148 -1.08 1.87 11.09
C ALA B 148 -2.41 2.47 11.51
N LEU B 149 -2.69 2.52 12.82
CA LEU B 149 -3.96 3.05 13.30
C LEU B 149 -3.87 4.50 13.80
N GLY B 150 -2.84 4.83 14.59
CA GLY B 150 -2.80 6.18 15.15
C GLY B 150 -2.71 7.24 14.09
N TYR B 151 -1.81 7.04 13.12
CA TYR B 151 -1.56 8.09 12.15
C TYR B 151 -2.79 8.46 11.32
N PRO B 152 -3.51 7.55 10.66
CA PRO B 152 -4.70 7.98 9.90
C PRO B 152 -5.75 8.68 10.75
N ILE B 153 -5.85 8.31 12.02
CA ILE B 153 -6.81 8.92 12.93
C ILE B 153 -6.38 10.33 13.32
N VAL B 154 -5.09 10.51 13.60
CA VAL B 154 -4.55 11.80 13.94
C VAL B 154 -4.58 12.72 12.73
N GLU B 155 -4.27 12.19 11.57
CA GLU B 155 -4.43 12.93 10.32
C GLU B 155 -5.87 13.39 10.16
N ALA B 156 -6.83 12.47 10.31
CA ALA B 156 -8.24 12.83 10.21
C ALA B 156 -8.63 13.94 11.20
N LEU B 157 -8.17 13.83 12.43
CA LEU B 157 -8.62 14.74 13.48
C LEU B 157 -7.94 16.11 13.38
N TYR B 158 -6.67 16.15 12.95
CA TYR B 158 -5.81 17.29 13.22
C TYR B 158 -5.11 17.88 11.98
N GLN B 159 -5.10 17.20 10.85
CA GLN B 159 -4.38 17.64 9.64
C GLN B 159 -4.76 19.05 9.19
N THR B 160 -6.00 19.46 9.42
CA THR B 160 -6.50 20.76 8.97
C THR B 160 -6.48 21.82 10.05
N THR B 161 -6.23 21.44 11.31
CA THR B 161 -6.28 22.36 12.44
C THR B 161 -4.93 22.44 13.15
N TYR B 162 -4.32 21.29 13.40
CA TYR B 162 -3.00 21.21 14.03
C TYR B 162 -2.16 20.22 13.23
N PRO B 163 -1.70 20.60 12.02
CA PRO B 163 -0.92 19.66 11.21
C PRO B 163 0.37 19.24 11.86
N GLU B 164 0.88 20.02 12.81
CA GLU B 164 2.03 19.63 13.58
C GLU B 164 1.77 18.43 14.48
N TYR B 165 0.51 18.15 14.83
CA TYR B 165 0.26 17.02 15.72
C TYR B 165 0.65 15.69 15.06
N LEU B 166 0.66 15.64 13.73
CA LEU B 166 1.03 14.44 13.00
C LEU B 166 2.50 14.07 13.21
N GLN B 167 3.36 15.07 13.39
CA GLN B 167 4.79 14.87 13.61
C GLN B 167 5.04 13.96 14.80
N TYR B 168 4.29 14.17 15.87
CA TYR B 168 4.61 13.53 17.12
C TYR B 168 4.39 12.03 17.08
N ILE B 169 3.63 11.50 16.13
CA ILE B 169 3.55 10.04 16.01
C ILE B 169 4.90 9.47 15.61
N TYR B 170 5.57 10.11 14.65
CA TYR B 170 6.88 9.69 14.21
C TYR B 170 7.95 10.03 15.24
N LEU B 171 7.65 10.89 16.21
CA LEU B 171 8.56 11.09 17.33
C LEU B 171 8.31 10.15 18.51
N VAL B 172 7.07 10.10 19.01
CA VAL B 172 6.75 9.35 20.22
C VAL B 172 7.02 7.88 20.00
N ALA B 173 6.51 7.30 18.92
CA ALA B 173 6.59 5.85 18.78
C ALA B 173 8.03 5.34 18.78
N PRO B 174 8.95 5.88 17.97
CA PRO B 174 10.32 5.37 18.03
C PRO B 174 11.01 5.64 19.35
N ILE B 175 10.88 6.86 19.88
CA ILE B 175 11.55 7.16 21.14
C ILE B 175 11.00 6.28 22.25
N SER B 176 9.69 6.01 22.21
CA SER B 176 9.08 5.05 23.11
C SER B 176 9.76 3.68 23.03
N LEU B 177 9.97 3.17 21.82
CA LEU B 177 10.66 1.88 21.68
C LEU B 177 12.07 1.95 22.23
N MET B 178 12.80 3.00 21.86
CA MET B 178 14.19 3.19 22.27
C MET B 178 14.33 3.25 23.78
N MET B 179 13.38 3.90 24.46
CA MET B 179 13.39 4.03 25.91
C MET B 179 13.00 2.73 26.60
N LEU B 180 11.86 2.18 26.22
CA LEU B 180 11.16 1.23 27.05
C LEU B 180 11.37 -0.21 26.61
N ASN B 181 11.43 -0.46 25.30
CA ASN B 181 11.56 -1.84 24.86
C ASN B 181 12.88 -2.49 25.25
N PRO B 182 14.04 -1.81 25.30
CA PRO B 182 15.22 -2.55 25.77
C PRO B 182 15.05 -3.06 27.18
N ILE B 183 14.35 -2.32 28.06
CA ILE B 183 14.10 -2.80 29.41
C ILE B 183 13.27 -4.08 29.39
N GLY B 184 12.17 -4.08 28.63
CA GLY B 184 11.36 -5.28 28.53
C GLY B 184 12.09 -6.46 27.92
N PHE B 185 12.95 -6.18 26.94
CA PHE B 185 13.74 -7.23 26.31
C PHE B 185 14.81 -7.74 27.25
N ILE B 186 15.38 -6.88 28.09
CA ILE B 186 16.30 -7.33 29.13
C ILE B 186 15.60 -8.31 30.06
N PHE B 187 14.36 -8.00 30.45
CA PHE B 187 13.64 -8.93 31.31
C PHE B 187 13.38 -10.25 30.60
N CYS B 188 13.05 -10.22 29.31
CA CYS B 188 12.89 -11.47 28.58
C CYS B 188 14.22 -12.21 28.43
N GLU B 189 15.33 -11.49 28.29
CA GLU B 189 16.64 -12.15 28.22
C GLU B 189 17.02 -12.74 29.57
N ILE B 190 16.65 -12.09 30.67
CA ILE B 190 16.82 -12.68 31.99
C ILE B 190 16.00 -13.95 32.09
N GLN B 191 14.77 -13.92 31.59
CA GLN B 191 13.95 -15.13 31.55
C GLN B 191 14.63 -16.22 30.73
N LYS B 192 15.16 -15.86 29.56
CA LYS B 192 15.87 -16.80 28.71
C LYS B 192 17.07 -17.40 29.44
N TRP B 193 17.84 -16.56 30.13
CA TRP B 193 18.98 -17.04 30.89
C TRP B 193 18.54 -17.93 32.04
N LYS B 194 17.46 -17.55 32.72
CA LYS B 194 16.95 -18.32 33.85
C LYS B 194 16.41 -19.67 33.38
N ASP B 195 15.78 -19.70 32.22
CA ASP B 195 15.29 -20.93 31.61
C ASP B 195 16.45 -21.84 31.19
N THR B 196 17.60 -21.27 30.89
CA THR B 196 18.75 -22.04 30.40
C THR B 196 19.45 -22.80 31.53
N SER B 200 21.24 -15.21 34.88
CA SER B 200 21.63 -13.81 34.67
C SER B 200 23.15 -13.60 34.83
N GLN B 201 23.93 -14.53 34.27
CA GLN B 201 25.38 -14.56 34.52
C GLN B 201 26.12 -13.42 33.82
N ASN B 202 26.00 -13.30 32.50
CA ASN B 202 26.66 -12.23 31.73
C ASN B 202 25.69 -11.05 31.62
N LYS B 203 25.82 -10.07 32.53
CA LYS B 203 24.87 -8.97 32.54
C LYS B 203 24.92 -8.16 31.27
N ILE B 204 26.13 -7.88 30.77
CA ILE B 204 26.27 -7.04 29.60
C ILE B 204 25.81 -7.76 28.34
N LYS B 205 25.93 -9.09 28.27
CA LYS B 205 25.29 -9.80 27.15
C LYS B 205 23.78 -9.66 27.19
N ILE B 206 23.19 -9.77 28.38
CA ILE B 206 21.75 -9.61 28.52
C ILE B 206 21.32 -8.20 28.09
N VAL B 207 22.04 -7.18 28.57
CA VAL B 207 21.75 -5.81 28.18
C VAL B 207 21.95 -5.63 26.67
N GLY B 208 23.05 -6.16 26.14
CA GLY B 208 23.35 -6.02 24.74
C GLY B 208 22.33 -6.68 23.84
N LEU B 209 21.86 -7.87 24.21
CA LEU B 209 20.82 -8.53 23.42
C LEU B 209 19.52 -7.74 23.45
N GLY B 210 19.19 -7.12 24.59
CA GLY B 210 18.04 -6.21 24.60
C GLY B 210 18.19 -5.01 23.68
N LEU B 211 19.34 -4.34 23.78
CA LEU B 211 19.59 -3.16 22.96
C LEU B 211 19.67 -3.51 21.48
N LEU B 212 20.30 -4.65 21.17
CA LEU B 212 20.45 -5.09 19.80
C LEU B 212 19.10 -5.40 19.18
N ARG B 213 18.20 -6.04 19.94
CA ARG B 213 16.86 -6.31 19.42
C ARG B 213 16.07 -5.02 19.18
N VAL B 214 16.39 -3.95 19.92
CA VAL B 214 15.79 -2.64 19.64
C VAL B 214 16.40 -2.01 18.39
N LEU B 215 17.72 -2.07 18.26
CA LEU B 215 18.42 -1.51 17.11
C LEU B 215 18.01 -2.20 15.81
N GLN B 216 17.74 -3.49 15.87
CA GLN B 216 17.31 -4.28 14.72
C GLN B 216 15.86 -4.05 14.34
N ASN B 217 15.15 -3.21 15.08
CA ASN B 217 13.78 -2.85 14.69
C ASN B 217 13.83 -1.76 13.62
N PRO B 218 13.17 -1.94 12.48
CA PRO B 218 13.13 -0.88 11.46
C PRO B 218 12.65 0.45 11.97
N ILE B 219 11.77 0.45 12.99
CA ILE B 219 11.28 1.70 13.54
C ILE B 219 12.41 2.52 14.13
N VAL B 220 13.41 1.86 14.69
CA VAL B 220 14.50 2.55 15.37
C VAL B 220 15.59 2.96 14.39
N PHE B 221 16.04 2.05 13.53
CA PHE B 221 17.17 2.41 12.70
C PHE B 221 16.75 3.34 11.57
N MET B 222 15.53 3.24 11.06
CA MET B 222 15.15 4.22 10.04
C MET B 222 14.82 5.57 10.65
N VAL B 223 14.61 5.63 11.96
CA VAL B 223 14.50 6.92 12.61
C VAL B 223 15.87 7.55 12.81
N PHE B 224 16.86 6.77 13.22
CA PHE B 224 18.23 7.27 13.27
C PHE B 224 18.70 7.75 11.89
N ILE B 225 18.49 6.92 10.86
CA ILE B 225 18.88 7.26 9.50
C ILE B 225 18.11 8.48 9.00
N GLY B 226 16.80 8.51 9.24
CA GLY B 226 16.01 9.65 8.81
C GLY B 226 16.40 10.95 9.49
N ILE B 227 16.80 10.89 10.76
CA ILE B 227 17.26 12.08 11.46
C ILE B 227 18.60 12.54 10.88
N ALA B 228 19.51 11.58 10.64
CA ALA B 228 20.75 11.92 9.98
C ALA B 228 20.49 12.64 8.67
N PHE B 229 19.62 12.07 7.84
CA PHE B 229 19.41 12.64 6.52
C PHE B 229 18.60 13.93 6.59
N ASN B 230 17.80 14.13 7.64
CA ASN B 230 17.24 15.45 7.94
C ASN B 230 18.34 16.49 8.00
N PHE B 231 19.41 16.19 8.75
CA PHE B 231 20.50 17.14 8.93
C PHE B 231 21.49 17.17 7.75
N ILE B 232 21.58 16.10 6.97
CA ILE B 232 22.43 16.10 5.77
C ILE B 232 21.76 16.87 4.64
N LEU B 233 20.44 16.76 4.52
CA LEU B 233 19.70 17.25 3.36
C LEU B 233 18.94 18.55 3.63
N ASP B 234 19.15 19.19 4.79
CA ASP B 234 18.37 20.35 5.23
C ASP B 234 16.86 20.10 5.04
N ARG B 235 16.40 18.96 5.54
CA ARG B 235 15.01 18.52 5.55
C ARG B 235 14.38 18.28 4.18
N LYS B 236 15.13 18.46 3.10
CA LYS B 236 14.59 18.29 1.76
C LYS B 236 14.83 16.86 1.29
N VAL B 237 13.75 16.12 1.10
CA VAL B 237 13.86 14.83 0.41
C VAL B 237 14.37 15.09 -1.01
N PRO B 238 15.39 14.39 -1.49
CA PRO B 238 15.82 14.61 -2.86
C PRO B 238 14.69 14.26 -3.82
N VAL B 239 14.50 15.09 -4.85
CA VAL B 239 13.30 14.99 -5.68
C VAL B 239 13.23 13.65 -6.42
N TYR B 240 14.38 13.09 -6.77
CA TYR B 240 14.42 11.76 -7.40
C TYR B 240 13.94 10.66 -6.46
N VAL B 241 14.19 10.82 -5.17
CA VAL B 241 13.87 9.80 -4.16
C VAL B 241 12.48 10.01 -3.58
N GLU B 242 11.96 11.23 -3.68
CA GLU B 242 10.72 11.61 -3.02
C GLU B 242 9.55 10.74 -3.45
N ASN B 243 9.34 10.57 -4.75
CA ASN B 243 8.20 9.77 -5.22
C ASN B 243 8.36 8.29 -4.89
N PHE B 244 9.58 7.77 -4.83
CA PHE B 244 9.80 6.40 -4.37
C PHE B 244 9.36 6.24 -2.92
N LEU B 245 9.76 7.20 -2.08
CA LEU B 245 9.38 7.16 -0.67
C LEU B 245 7.88 7.37 -0.50
N ASP B 246 7.28 8.22 -1.33
CA ASP B 246 5.83 8.34 -1.37
C ASP B 246 5.17 7.01 -1.69
N GLY B 247 5.59 6.34 -2.77
CA GLY B 247 4.94 5.10 -3.17
C GLY B 247 4.98 4.04 -2.09
N LEU B 248 6.16 3.85 -1.49
CA LEU B 248 6.27 2.89 -0.39
C LEU B 248 5.49 3.35 0.84
N GLY B 249 5.71 4.60 1.27
CA GLY B 249 5.09 5.09 2.48
C GLY B 249 3.58 5.12 2.41
N ASN B 250 3.03 5.60 1.30
CA ASN B 250 1.59 5.61 1.11
C ASN B 250 1.02 4.21 1.02
N SER B 251 1.84 3.21 0.63
CA SER B 251 1.31 1.86 0.69
C SER B 251 1.32 1.26 2.10
N PHE B 252 2.06 1.86 3.03
CA PHE B 252 2.08 1.33 4.40
C PHE B 252 0.68 1.23 5.02
N SER B 253 -0.11 2.31 5.03
CA SER B 253 -1.30 2.33 5.90
C SER B 253 -2.26 1.19 5.59
N GLY B 254 -2.83 1.19 4.39
CA GLY B 254 -3.74 0.12 4.03
C GLY B 254 -3.10 -1.25 4.15
N SER B 255 -1.85 -1.38 3.71
CA SER B 255 -1.19 -2.68 3.74
C SER B 255 -0.99 -3.20 5.16
N ALA B 256 -0.64 -2.31 6.08
CA ALA B 256 -0.40 -2.66 7.47
C ALA B 256 -1.70 -2.98 8.18
N LEU B 257 -2.76 -2.22 7.89
CA LEU B 257 -4.07 -2.48 8.46
C LEU B 257 -4.61 -3.82 7.99
N PHE B 258 -4.38 -4.14 6.72
CA PHE B 258 -4.79 -5.43 6.19
C PHE B 258 -3.98 -6.56 6.83
N TYR B 259 -2.67 -6.36 6.97
CA TYR B 259 -1.83 -7.37 7.61
C TYR B 259 -2.21 -7.55 9.08
N LEU B 260 -2.57 -6.47 9.76
CA LEU B 260 -3.10 -6.53 11.11
C LEU B 260 -4.35 -7.41 11.16
N GLY B 261 -5.30 -7.16 10.25
CA GLY B 261 -6.45 -8.04 10.14
C GLY B 261 -6.09 -9.51 9.95
N LEU B 262 -5.13 -9.77 9.06
CA LEU B 262 -4.70 -11.14 8.80
C LEU B 262 -4.08 -11.78 10.03
N THR B 263 -3.31 -11.03 10.79
CA THR B 263 -2.67 -11.58 11.97
C THR B 263 -3.62 -11.67 13.17
N MET B 264 -4.82 -11.08 13.09
CA MET B 264 -5.82 -11.26 14.13
C MET B 264 -6.56 -12.60 14.03
N VAL B 265 -6.36 -13.35 12.95
CA VAL B 265 -7.15 -14.55 12.66
C VAL B 265 -6.67 -15.73 13.51
N GLY B 266 -7.56 -16.26 14.35
CA GLY B 266 -7.26 -17.41 15.18
C GLY B 266 -6.40 -17.13 16.39
N LYS B 267 -6.20 -15.85 16.73
CA LYS B 267 -5.30 -15.46 17.80
C LYS B 267 -5.99 -15.42 19.16
N ILE B 268 -7.31 -15.19 19.21
CA ILE B 268 -8.03 -15.24 20.48
C ILE B 268 -8.28 -16.70 20.82
N LYS B 269 -7.56 -17.18 21.83
CA LYS B 269 -7.61 -18.55 22.30
C LYS B 269 -8.04 -18.50 23.76
N ARG B 270 -8.83 -19.47 24.18
CA ARG B 270 -9.57 -19.38 25.44
C ARG B 270 -8.60 -19.39 26.61
N LEU B 271 -8.49 -18.27 27.31
CA LEU B 271 -7.54 -18.09 28.39
C LEU B 271 -8.15 -18.54 29.72
N LYS B 272 -7.29 -19.02 30.63
CA LYS B 272 -7.66 -19.25 32.02
C LYS B 272 -8.21 -17.96 32.63
N LYS B 273 -8.97 -18.05 33.72
CA LYS B 273 -9.54 -16.87 34.34
C LYS B 273 -8.45 -15.85 34.69
N SER B 274 -7.33 -16.32 35.24
CA SER B 274 -6.26 -15.40 35.61
C SER B 274 -5.67 -14.72 34.38
N ALA B 275 -5.44 -15.49 33.32
CA ALA B 275 -4.91 -14.91 32.09
C ALA B 275 -5.88 -13.90 31.50
N PHE B 276 -7.17 -14.15 31.63
CA PHE B 276 -8.20 -13.21 31.17
C PHE B 276 -8.24 -11.94 32.03
N VAL B 277 -8.18 -12.08 33.35
CA VAL B 277 -8.14 -10.90 34.22
C VAL B 277 -6.89 -10.07 33.92
N VAL B 278 -5.75 -10.74 33.77
CA VAL B 278 -4.50 -10.06 33.43
C VAL B 278 -4.65 -9.31 32.13
N LEU B 279 -5.24 -9.94 31.12
CA LEU B 279 -5.44 -9.31 29.83
C LEU B 279 -6.34 -8.08 29.94
N ILE B 280 -7.43 -8.17 30.70
CA ILE B 280 -8.29 -7.00 30.92
C ILE B 280 -7.50 -5.88 31.58
N LEU B 281 -6.69 -6.21 32.59
CA LEU B 281 -5.90 -5.20 33.29
C LEU B 281 -4.87 -4.55 32.37
N LEU B 282 -4.25 -5.33 31.49
CA LEU B 282 -3.24 -4.78 30.58
C LEU B 282 -3.88 -3.93 29.49
N ILE B 283 -5.03 -4.35 28.98
CA ILE B 283 -5.74 -3.52 28.01
C ILE B 283 -6.22 -2.24 28.68
N THR B 284 -6.62 -2.31 29.95
CA THR B 284 -6.96 -1.12 30.72
C THR B 284 -5.76 -0.22 30.92
N ALA B 285 -4.59 -0.80 31.20
CA ALA B 285 -3.37 -0.02 31.28
C ALA B 285 -3.08 0.69 29.97
N LYS B 286 -3.24 -0.02 28.85
CA LYS B 286 -3.00 0.56 27.53
C LYS B 286 -4.02 1.62 27.15
N LEU B 287 -5.30 1.38 27.44
CA LEU B 287 -6.41 2.12 26.84
C LEU B 287 -7.19 2.99 27.80
N LEU B 288 -6.86 2.99 29.08
CA LEU B 288 -7.49 3.88 30.06
C LEU B 288 -6.42 4.55 30.92
N VAL B 289 -5.52 3.77 31.54
CA VAL B 289 -4.51 4.37 32.42
C VAL B 289 -3.56 5.24 31.60
N LEU B 290 -3.07 4.74 30.48
CA LEU B 290 -2.12 5.50 29.68
C LEU B 290 -2.73 6.78 29.12
N PRO B 291 -3.90 6.79 28.48
CA PRO B 291 -4.43 8.08 27.99
C PRO B 291 -4.71 9.09 29.10
N LEU B 292 -5.09 8.63 30.29
CA LEU B 292 -5.30 9.54 31.42
C LEU B 292 -3.98 10.15 31.90
N LEU B 293 -2.91 9.36 31.93
CA LEU B 293 -1.60 9.92 32.27
C LEU B 293 -1.07 10.81 31.17
N CYS B 294 -1.25 10.44 29.89
CA CYS B 294 -0.76 11.30 28.82
C CYS B 294 -1.40 12.67 28.89
N ARG B 295 -2.72 12.70 29.13
CA ARG B 295 -3.45 13.93 29.38
C ARG B 295 -2.88 14.70 30.57
N GLU B 296 -2.74 14.04 31.71
CA GLU B 296 -2.25 14.68 32.93
C GLU B 296 -0.81 15.19 32.77
N MET B 297 0.02 14.44 32.06
CA MET B 297 1.42 14.83 31.91
C MET B 297 1.55 16.06 31.04
N VAL B 298 0.73 16.17 29.98
CA VAL B 298 0.68 17.43 29.25
C VAL B 298 0.27 18.56 30.17
N GLU B 299 -0.68 18.31 31.06
CA GLU B 299 -1.14 19.39 31.94
C GLU B 299 -0.12 19.75 33.02
N LEU B 300 0.78 18.83 33.36
CA LEU B 300 1.86 19.15 34.30
C LEU B 300 3.05 19.82 33.61
N LEU B 301 3.40 19.38 32.40
CA LEU B 301 4.68 19.70 31.80
C LEU B 301 4.61 20.63 30.59
N ASP B 302 3.46 20.77 29.94
CA ASP B 302 3.31 21.82 28.93
C ASP B 302 2.89 23.12 29.61
N LYS B 303 3.89 23.97 29.89
CA LYS B 303 3.67 25.30 30.45
C LYS B 303 3.28 26.35 29.40
N GLY B 304 2.85 25.94 28.21
CA GLY B 304 2.51 26.90 27.16
C GLY B 304 1.30 27.76 27.50
N ASP B 305 1.25 28.92 26.85
CA ASP B 305 0.32 30.00 27.24
C ASP B 305 -1.11 29.78 26.73
N SER B 306 -1.29 29.28 25.51
CA SER B 306 -2.60 29.30 24.88
C SER B 306 -3.49 28.19 25.42
N VAL B 307 -4.64 28.56 25.99
CA VAL B 307 -5.54 27.58 26.57
C VAL B 307 -6.10 26.65 25.50
N VAL B 308 -6.41 27.16 24.31
CA VAL B 308 -6.93 26.31 23.25
C VAL B 308 -5.86 25.32 22.79
N ASN B 309 -4.64 25.78 22.62
CA ASN B 309 -3.56 24.88 22.22
C ASN B 309 -3.26 23.86 23.32
N HIS B 310 -3.25 24.28 24.58
CA HIS B 310 -3.05 23.35 25.68
C HIS B 310 -4.17 22.33 25.77
N THR B 311 -5.41 22.79 25.61
CA THR B 311 -6.56 21.89 25.60
C THR B 311 -6.43 20.87 24.49
N SER B 312 -6.21 21.33 23.26
CA SER B 312 -6.16 20.43 22.12
C SER B 312 -5.00 19.46 22.25
N LEU B 313 -3.92 19.90 22.85
CA LEU B 313 -2.75 19.07 23.04
C LEU B 313 -2.98 18.03 24.14
N SER B 314 -3.68 18.42 25.18
CA SER B 314 -4.09 17.49 26.23
C SER B 314 -5.06 16.45 25.67
N ASN B 315 -6.00 16.90 24.85
CA ASN B 315 -6.91 16.00 24.16
C ASN B 315 -6.15 15.06 23.22
N TYR B 316 -5.19 15.59 22.47
CA TYR B 316 -4.39 14.77 21.57
C TYR B 316 -3.58 13.75 22.37
N ALA B 317 -3.04 14.14 23.50
CA ALA B 317 -2.34 13.22 24.38
C ALA B 317 -3.26 12.08 24.84
N PHE B 318 -4.48 12.41 25.27
CA PHE B 318 -5.44 11.38 25.60
C PHE B 318 -5.67 10.43 24.42
N LEU B 319 -5.91 11.00 23.24
CA LEU B 319 -6.21 10.16 22.08
C LEU B 319 -5.02 9.30 21.71
N TYR B 320 -3.81 9.85 21.83
CA TYR B 320 -2.60 9.11 21.58
C TYR B 320 -2.52 7.89 22.50
N GLY B 321 -2.93 8.05 23.75
CA GLY B 321 -2.99 6.91 24.66
C GLY B 321 -3.98 5.83 24.28
N VAL B 322 -5.06 6.18 23.58
CA VAL B 322 -6.07 5.17 23.22
C VAL B 322 -5.69 4.28 22.04
N PHE B 323 -4.53 4.48 21.43
CA PHE B 323 -4.14 3.60 20.33
C PHE B 323 -3.94 2.17 20.84
N PRO B 324 -4.32 1.13 20.08
CA PRO B 324 -4.19 -0.24 20.61
C PRO B 324 -2.75 -0.71 20.75
N VAL B 325 -2.56 -1.93 21.25
CA VAL B 325 -1.22 -2.48 21.32
C VAL B 325 -0.70 -2.73 19.90
N ALA B 326 0.57 -2.43 19.69
CA ALA B 326 1.20 -2.67 18.40
C ALA B 326 1.32 -4.17 18.15
N PRO B 327 1.15 -4.62 16.90
CA PRO B 327 1.45 -6.04 16.60
C PRO B 327 2.89 -6.41 16.89
N GLY B 328 3.81 -5.45 16.84
CA GLY B 328 5.19 -5.70 17.21
C GLY B 328 5.34 -6.41 18.55
N VAL B 329 4.47 -6.12 19.50
CA VAL B 329 4.59 -6.73 20.83
C VAL B 329 4.33 -8.22 20.75
N ALA B 330 3.35 -8.62 19.94
CA ALA B 330 3.10 -10.03 19.67
C ALA B 330 4.26 -10.69 18.94
N ILE B 331 4.92 -9.92 18.07
CA ILE B 331 6.13 -10.43 17.41
C ILE B 331 7.24 -10.67 18.44
N PHE B 332 7.45 -9.73 19.38
CA PHE B 332 8.47 -9.96 20.41
C PHE B 332 8.12 -11.19 21.25
N ALA B 333 6.85 -11.32 21.63
CA ALA B 333 6.39 -12.49 22.36
C ALA B 333 6.72 -13.78 21.61
N THR B 334 6.50 -13.79 20.29
CA THR B 334 6.81 -14.96 19.48
C THR B 334 8.32 -15.19 19.39
N GLN B 335 9.10 -14.11 19.28
CA GLN B 335 10.56 -14.22 19.16
C GLN B 335 11.19 -14.74 20.45
N PHE B 336 10.69 -14.31 21.60
CA PHE B 336 11.16 -14.79 22.89
C PHE B 336 10.51 -16.12 23.25
N ASN B 337 9.42 -16.48 22.57
CA ASN B 337 8.53 -17.59 22.90
C ASN B 337 8.00 -17.46 24.33
N MET B 338 7.58 -16.25 24.65
CA MET B 338 7.17 -15.86 25.99
C MET B 338 5.82 -15.18 25.91
N GLU B 339 4.91 -15.60 26.79
CA GLU B 339 3.61 -14.96 27.03
C GLU B 339 2.77 -14.83 25.75
N VAL B 340 2.96 -15.77 24.81
CA VAL B 340 2.49 -15.57 23.44
C VAL B 340 0.97 -15.41 23.39
N GLU B 341 0.24 -16.30 24.06
CA GLU B 341 -1.23 -16.27 23.97
C GLU B 341 -1.78 -14.98 24.55
N ILE B 342 -1.31 -14.60 25.73
CA ILE B 342 -1.78 -13.39 26.39
C ILE B 342 -1.48 -12.17 25.54
N ILE B 343 -0.26 -12.08 25.03
CA ILE B 343 0.14 -10.89 24.27
C ILE B 343 -0.61 -10.84 22.93
N THR B 344 -0.72 -11.97 22.23
CA THR B 344 -1.41 -11.98 20.94
C THR B 344 -2.90 -11.71 21.11
N SER B 345 -3.57 -12.48 21.97
CA SER B 345 -4.97 -12.23 22.29
C SER B 345 -5.19 -10.79 22.69
N GLY B 346 -4.36 -10.31 23.62
CA GLY B 346 -4.52 -8.96 24.12
C GLY B 346 -4.34 -7.91 23.05
N MET B 347 -3.41 -8.13 22.12
CA MET B 347 -3.20 -7.19 21.03
C MET B 347 -4.43 -7.15 20.13
N VAL B 348 -4.98 -8.32 19.79
CA VAL B 348 -6.21 -8.40 18.99
C VAL B 348 -7.35 -7.67 19.70
N ILE B 349 -7.55 -7.98 20.97
CA ILE B 349 -8.69 -7.44 21.71
C ILE B 349 -8.50 -5.95 21.92
N SER B 350 -7.29 -5.52 22.24
CA SER B 350 -6.95 -4.12 22.31
C SER B 350 -7.31 -3.39 21.02
N THR B 351 -7.02 -4.00 19.88
CA THR B 351 -7.36 -3.41 18.60
C THR B 351 -8.87 -3.23 18.45
N PHE B 352 -9.62 -4.29 18.69
CA PHE B 352 -11.08 -4.20 18.60
C PHE B 352 -11.64 -3.13 19.55
N VAL B 353 -11.18 -3.15 20.80
CA VAL B 353 -11.69 -2.28 21.87
C VAL B 353 -11.28 -0.83 21.64
N SER B 354 -10.15 -0.60 20.99
CA SER B 354 -9.72 0.77 20.73
C SER B 354 -10.72 1.53 19.88
N ALA B 355 -11.33 0.87 18.90
CA ALA B 355 -12.22 1.53 17.97
C ALA B 355 -13.32 2.31 18.71
N PRO B 356 -14.16 1.67 19.54
CA PRO B 356 -15.12 2.48 20.31
C PRO B 356 -14.45 3.45 21.25
N ILE B 357 -13.38 3.09 21.94
CA ILE B 357 -12.80 4.02 22.92
C ILE B 357 -12.25 5.26 22.21
N MET B 358 -11.56 5.09 21.08
CA MET B 358 -11.11 6.25 20.29
C MET B 358 -12.27 7.16 19.97
N TYR B 359 -13.31 6.58 19.35
CA TYR B 359 -14.46 7.36 18.92
C TYR B 359 -15.10 8.12 20.09
N VAL B 360 -15.39 7.36 21.15
CA VAL B 360 -16.11 7.86 22.32
C VAL B 360 -15.31 8.96 23.00
N SER B 361 -14.01 8.74 23.15
CA SER B 361 -13.13 9.70 23.81
C SER B 361 -13.04 10.98 23.02
N ALA B 362 -12.81 10.88 21.71
CA ALA B 362 -12.63 12.06 20.89
C ALA B 362 -13.85 12.97 20.95
N TRP B 363 -15.04 12.37 20.88
CA TRP B 363 -16.25 13.17 21.00
C TRP B 363 -16.40 13.75 22.41
N LEU B 364 -16.17 12.92 23.42
CA LEU B 364 -16.27 13.36 24.81
C LEU B 364 -15.33 14.54 25.09
N LEU B 365 -14.14 14.51 24.51
CA LEU B 365 -13.16 15.59 24.65
C LEU B 365 -13.57 16.82 23.85
N THR B 366 -14.33 16.63 22.76
CA THR B 366 -14.83 17.76 21.97
C THR B 366 -16.02 18.45 22.64
N PHE B 367 -16.86 17.69 23.33
CA PHE B 367 -18.10 18.20 23.90
C PHE B 367 -17.96 19.46 24.75
N PRO B 368 -16.99 19.60 25.66
CA PRO B 368 -16.90 20.86 26.42
C PRO B 368 -16.60 22.09 25.58
N THR B 369 -16.20 21.93 24.32
CA THR B 369 -16.04 23.08 23.43
C THR B 369 -17.35 23.44 22.72
N MET B 370 -18.27 22.49 22.59
CA MET B 370 -19.45 22.71 21.78
C MET B 370 -20.51 23.45 22.59
N ASP B 371 -21.37 24.18 21.89
CA ASP B 371 -22.51 24.80 22.53
C ASP B 371 -23.58 23.75 22.75
N PRO B 372 -24.54 24.00 23.63
CA PRO B 372 -25.46 22.91 24.01
C PRO B 372 -26.24 22.33 22.85
N LYS B 373 -26.65 23.16 21.93
CA LYS B 373 -27.43 22.63 20.83
C LYS B 373 -26.53 21.85 19.89
N PRO B 374 -25.41 22.40 19.40
CA PRO B 374 -24.54 21.58 18.56
C PRO B 374 -24.06 20.32 19.26
N LEU B 375 -24.07 20.31 20.61
CA LEU B 375 -23.80 19.06 21.33
C LEU B 375 -24.92 18.04 21.14
N ALA B 376 -26.19 18.48 21.17
CA ALA B 376 -27.28 17.56 20.83
C ALA B 376 -27.11 17.01 19.41
N TYR B 377 -26.80 17.88 18.46
CA TYR B 377 -26.62 17.44 17.08
C TYR B 377 -25.43 16.48 16.98
N ALA B 378 -24.36 16.76 17.71
CA ALA B 378 -23.22 15.86 17.79
C ALA B 378 -23.62 14.48 18.31
N ILE B 379 -24.45 14.44 19.35
CA ILE B 379 -24.88 13.17 19.90
C ILE B 379 -25.75 12.40 18.91
N GLN B 380 -26.58 13.10 18.13
CA GLN B 380 -27.35 12.38 17.12
C GLN B 380 -26.46 11.89 15.98
N ASN B 381 -25.43 12.66 15.62
CA ASN B 381 -24.43 12.20 14.65
C ASN B 381 -23.73 10.94 15.14
N VAL B 382 -23.19 10.99 16.36
CA VAL B 382 -22.59 9.84 17.04
C VAL B 382 -23.51 8.64 16.95
N SER B 383 -24.77 8.86 17.29
CA SER B 383 -25.74 7.78 17.32
C SER B 383 -25.95 7.19 15.94
N PHE B 384 -25.97 8.03 14.91
CA PHE B 384 -26.10 7.56 13.53
C PHE B 384 -24.89 6.71 13.12
N ASP B 385 -23.70 7.24 13.36
CA ASP B 385 -22.46 6.53 13.03
C ASP B 385 -22.43 5.15 13.68
N ILE B 386 -22.70 5.12 14.98
CA ILE B 386 -22.68 3.88 15.75
C ILE B 386 -23.78 2.95 15.27
N SER B 387 -24.94 3.52 14.90
CA SER B 387 -26.02 2.72 14.35
C SER B 387 -25.58 1.97 13.10
N ILE B 388 -24.76 2.61 12.27
CA ILE B 388 -24.32 1.94 11.04
C ILE B 388 -23.40 0.75 11.36
N VAL B 389 -22.35 0.95 12.16
CA VAL B 389 -21.46 -0.19 12.43
C VAL B 389 -22.22 -1.29 13.17
N SER B 390 -23.05 -0.89 14.12
CA SER B 390 -23.84 -1.83 14.88
C SER B 390 -24.82 -2.59 13.99
N LEU B 391 -25.52 -1.88 13.12
CA LEU B 391 -26.48 -2.48 12.20
C LEU B 391 -25.82 -3.52 11.33
N ILE B 392 -24.67 -3.19 10.77
CA ILE B 392 -23.99 -4.12 9.87
C ILE B 392 -23.50 -5.33 10.65
N SER B 393 -22.92 -5.11 11.82
CA SER B 393 -22.45 -6.19 12.67
C SER B 393 -23.59 -7.07 13.16
N LEU B 394 -24.77 -6.49 13.35
CA LEU B 394 -25.96 -7.22 13.71
C LEU B 394 -26.51 -8.03 12.56
N ILE B 395 -26.64 -7.42 11.38
CA ILE B 395 -27.11 -8.13 10.21
C ILE B 395 -26.22 -9.36 9.96
N TRP B 396 -24.90 -9.18 10.08
CA TRP B 396 -23.98 -10.31 9.99
C TRP B 396 -24.25 -11.35 11.07
N SER B 397 -24.32 -10.92 12.33
CA SER B 397 -24.48 -11.87 13.42
C SER B 397 -25.80 -12.61 13.33
N LEU B 398 -26.87 -11.93 12.93
CA LEU B 398 -28.13 -12.58 12.65
C LEU B 398 -27.97 -13.61 11.56
N ALA B 399 -27.34 -13.25 10.44
CA ALA B 399 -27.19 -14.18 9.33
C ALA B 399 -26.43 -15.42 9.76
N ILE B 400 -25.42 -15.25 10.60
CA ILE B 400 -24.69 -16.40 11.15
C ILE B 400 -25.60 -17.23 12.05
N LEU B 401 -26.30 -16.61 13.00
CA LEU B 401 -27.17 -17.37 13.92
C LEU B 401 -28.30 -18.07 13.17
N LEU B 402 -28.79 -17.46 12.08
CA LEU B 402 -29.82 -18.06 11.24
C LEU B 402 -29.28 -19.22 10.42
N LEU B 403 -28.28 -18.96 9.57
CA LEU B 403 -27.79 -19.96 8.64
C LEU B 403 -27.07 -21.11 9.36
N SER B 404 -26.41 -20.84 10.49
CA SER B 404 -25.86 -21.90 11.34
C SER B 404 -26.93 -22.70 12.06
N LYS B 405 -28.17 -22.25 12.00
CA LYS B 405 -29.34 -22.76 12.72
C LYS B 405 -29.16 -22.75 14.24
N LYS B 406 -28.12 -22.06 14.74
CA LYS B 406 -27.99 -21.81 16.17
C LYS B 406 -29.24 -21.16 16.76
N TYR B 407 -29.95 -20.36 15.95
CA TYR B 407 -31.17 -19.70 16.43
C TYR B 407 -32.25 -20.67 16.90
N LYS B 408 -32.11 -21.98 16.66
CA LYS B 408 -33.03 -22.97 17.18
C LYS B 408 -32.61 -23.54 18.52
N GLN B 409 -31.36 -23.31 18.93
CA GLN B 409 -30.77 -23.84 20.15
C GLN B 409 -30.85 -22.83 21.29
N LEU B 410 -30.75 -23.33 22.52
CA LEU B 410 -30.77 -22.49 23.71
C LEU B 410 -29.37 -22.36 24.29
N PRO B 411 -28.90 -21.16 24.66
CA PRO B 411 -29.61 -19.87 24.69
C PRO B 411 -29.52 -19.04 23.41
N HIS B 412 -29.12 -19.64 22.29
CA HIS B 412 -28.87 -18.89 21.05
C HIS B 412 -30.15 -18.32 20.43
N MET B 413 -31.29 -18.99 20.62
CA MET B 413 -32.59 -18.43 20.25
C MET B 413 -32.84 -17.09 20.95
N LEU B 414 -32.63 -17.07 22.25
CA LEU B 414 -32.81 -15.85 23.03
C LEU B 414 -31.79 -14.79 22.63
N THR B 415 -30.57 -15.21 22.31
CA THR B 415 -29.56 -14.29 21.77
C THR B 415 -30.01 -13.70 20.43
N THR B 416 -30.69 -14.49 19.60
CA THR B 416 -31.17 -13.96 18.32
C THR B 416 -32.24 -12.89 18.55
N ASN B 417 -33.12 -13.12 19.51
CA ASN B 417 -34.14 -12.11 19.82
C ASN B 417 -33.51 -10.79 20.26
N LEU B 418 -32.51 -10.86 21.13
CA LEU B 418 -31.72 -9.69 21.48
C LEU B 418 -31.21 -8.95 20.24
N LEU B 419 -30.60 -9.68 19.31
CA LEU B 419 -29.97 -9.01 18.17
C LEU B 419 -31.01 -8.42 17.21
N ILE B 420 -32.16 -9.07 17.04
CA ILE B 420 -33.25 -8.47 16.27
C ILE B 420 -33.61 -7.11 16.87
N ALA B 421 -33.82 -7.09 18.20
CA ALA B 421 -34.11 -5.84 18.90
C ALA B 421 -33.02 -4.79 18.68
N GLN B 422 -31.76 -5.19 18.81
CA GLN B 422 -30.64 -4.29 18.56
C GLN B 422 -30.64 -3.75 17.11
N SER B 423 -31.01 -4.59 16.15
CA SER B 423 -31.03 -4.15 14.76
C SER B 423 -32.10 -3.11 14.53
N ILE B 424 -33.25 -3.33 15.14
CA ILE B 424 -34.37 -2.39 15.02
C ILE B 424 -33.99 -1.07 15.67
N VAL B 425 -33.27 -1.11 16.78
CA VAL B 425 -32.74 0.11 17.41
C VAL B 425 -31.83 0.87 16.45
N CYS B 426 -30.98 0.16 15.71
CA CYS B 426 -30.06 0.86 14.82
C CYS B 426 -30.77 1.50 13.63
N ALA B 427 -31.68 0.75 13.02
CA ALA B 427 -32.51 1.33 11.96
C ALA B 427 -33.35 2.49 12.49
N GLY B 428 -33.94 2.32 13.67
CA GLY B 428 -34.78 3.36 14.24
C GLY B 428 -34.01 4.63 14.50
N MET B 429 -32.76 4.49 14.94
CA MET B 429 -31.92 5.66 15.15
C MET B 429 -31.54 6.32 13.82
N MET B 430 -31.19 5.53 12.81
CA MET B 430 -30.93 6.13 11.51
C MET B 430 -32.16 6.85 10.96
N ILE B 431 -33.35 6.31 11.22
CA ILE B 431 -34.58 6.99 10.81
C ILE B 431 -34.79 8.26 11.64
N TRP B 432 -34.56 8.18 12.96
CA TRP B 432 -34.77 9.35 13.83
C TRP B 432 -33.88 10.52 13.43
N ASN B 433 -32.68 10.22 12.93
CA ASN B 433 -31.75 11.26 12.48
C ASN B 433 -32.36 12.20 11.45
N PHE B 434 -33.41 11.76 10.75
CA PHE B 434 -34.15 12.58 9.81
C PHE B 434 -35.54 12.92 10.33
N VAL B 435 -36.20 11.99 11.00
CA VAL B 435 -37.56 12.21 11.47
C VAL B 435 -37.59 13.18 12.66
N LYS B 436 -36.44 13.45 13.30
CA LYS B 436 -36.34 14.53 14.28
C LYS B 436 -36.65 15.92 13.69
N GLU B 437 -36.58 16.07 12.36
CA GLU B 437 -36.99 17.30 11.69
C GLU B 437 -38.43 17.22 11.16
N LYS B 438 -38.99 16.02 11.02
CA LYS B 438 -40.29 15.79 10.41
C LYS B 438 -41.42 15.81 11.47
N ASN B 439 -42.65 15.63 10.98
CA ASN B 439 -43.89 15.80 11.75
C ASN B 439 -44.06 14.73 12.83
N PHE B 440 -44.94 15.05 13.81
CA PHE B 440 -45.17 14.17 14.95
C PHE B 440 -45.65 12.77 14.54
N VAL B 441 -46.44 12.68 13.47
CA VAL B 441 -46.93 11.37 13.03
C VAL B 441 -45.78 10.44 12.65
N GLY B 442 -44.67 11.00 12.17
CA GLY B 442 -43.48 10.21 11.93
C GLY B 442 -42.74 9.92 13.21
N GLN B 443 -42.52 10.97 14.02
CA GLN B 443 -41.71 10.85 15.22
C GLN B 443 -42.27 9.83 16.18
N ILE B 444 -43.59 9.82 16.40
CA ILE B 444 -44.18 8.89 17.37
C ILE B 444 -43.94 7.45 16.94
N LEU B 445 -44.18 7.16 15.67
CA LEU B 445 -43.97 5.82 15.16
C LEU B 445 -42.51 5.40 15.27
N VAL B 446 -41.61 6.30 14.88
CA VAL B 446 -40.17 6.03 14.91
C VAL B 446 -39.69 5.87 16.34
N PHE B 447 -40.20 6.68 17.25
CA PHE B 447 -39.90 6.51 18.66
C PHE B 447 -40.44 5.18 19.18
N VAL B 448 -41.68 4.82 18.82
CA VAL B 448 -42.28 3.59 19.33
C VAL B 448 -41.42 2.41 18.91
N LEU B 449 -41.08 2.36 17.63
CA LEU B 449 -40.12 1.40 17.11
C LEU B 449 -38.87 1.38 17.97
N LEU B 450 -38.25 2.56 18.11
CA LEU B 450 -36.94 2.68 18.70
C LEU B 450 -36.93 2.29 20.17
N TYR B 451 -37.95 2.66 20.93
CA TYR B 451 -37.92 2.40 22.36
C TYR B 451 -38.57 1.07 22.72
N SER B 452 -39.52 0.56 21.95
CA SER B 452 -39.91 -0.83 22.14
C SER B 452 -38.72 -1.74 21.91
N SER B 453 -38.02 -1.56 20.80
CA SER B 453 -36.85 -2.39 20.53
C SER B 453 -35.71 -2.11 21.50
N LEU B 454 -35.53 -0.87 21.97
CA LEU B 454 -34.46 -0.59 22.91
C LEU B 454 -34.73 -1.20 24.28
N TYR B 455 -35.94 -1.00 24.79
CA TYR B 455 -36.33 -1.65 26.02
C TYR B 455 -36.21 -3.16 25.88
N SER B 456 -36.57 -3.68 24.71
CA SER B 456 -36.39 -5.10 24.43
C SER B 456 -34.92 -5.52 24.56
N THR B 457 -33.97 -4.69 24.09
CA THR B 457 -32.56 -5.07 24.26
C THR B 457 -32.19 -5.19 25.74
N TYR B 458 -32.70 -4.28 26.56
CA TYR B 458 -32.43 -4.39 28.00
C TYR B 458 -33.05 -5.66 28.59
N LEU B 459 -34.34 -5.86 28.32
CA LEU B 459 -35.05 -7.01 28.84
C LEU B 459 -34.40 -8.31 28.40
N TRP B 460 -33.95 -8.37 27.14
CA TRP B 460 -33.29 -9.56 26.63
C TRP B 460 -31.95 -9.80 27.30
N THR B 461 -31.23 -8.76 27.71
CA THR B 461 -30.05 -8.99 28.56
C THR B 461 -30.44 -9.74 29.83
N GLY B 462 -31.52 -9.32 30.47
CA GLY B 462 -32.00 -10.04 31.66
C GLY B 462 -32.42 -11.47 31.35
N LEU B 463 -33.26 -11.65 30.32
CA LEU B 463 -33.81 -12.94 29.94
C LEU B 463 -32.72 -13.91 29.51
N LEU B 464 -31.68 -13.41 28.83
CA LEU B 464 -30.54 -14.22 28.47
C LEU B 464 -29.81 -14.71 29.71
N ALA B 465 -29.47 -13.78 30.61
CA ALA B 465 -28.71 -14.15 31.82
C ALA B 465 -29.46 -15.18 32.69
N ILE B 466 -30.77 -14.99 32.87
CA ILE B 466 -31.52 -15.98 33.67
C ILE B 466 -31.57 -17.31 32.95
N SER B 467 -31.62 -17.31 31.61
CA SER B 467 -31.55 -18.57 30.90
C SER B 467 -30.19 -19.24 31.07
N LEU B 468 -29.11 -18.47 31.19
CA LEU B 468 -27.81 -19.10 31.45
C LEU B 468 -27.81 -19.80 32.80
N PHE B 469 -28.38 -19.16 33.82
CA PHE B 469 -28.58 -19.85 35.11
C PHE B 469 -29.38 -21.14 34.94
N LEU B 470 -30.51 -21.06 34.23
CA LEU B 470 -31.39 -22.22 34.09
C LEU B 470 -30.76 -23.34 33.27
N LEU B 471 -29.88 -23.01 32.32
CA LEU B 471 -29.17 -24.00 31.52
C LEU B 471 -27.93 -24.53 32.25
N LYS B 472 -27.35 -23.75 33.15
CA LYS B 472 -26.19 -24.14 33.95
C LYS B 472 -26.59 -25.02 35.13
N VAL B 477 -34.59 -28.85 33.06
CA VAL B 477 -35.40 -27.64 33.09
C VAL B 477 -35.67 -27.13 31.67
N GLN B 478 -36.84 -27.47 31.13
CA GLN B 478 -37.28 -26.84 29.88
C GLN B 478 -37.61 -25.38 30.19
N ILE B 479 -36.73 -24.47 29.81
CA ILE B 479 -37.00 -23.06 30.11
C ILE B 479 -38.23 -22.61 29.33
N PRO B 480 -39.09 -21.75 29.88
CA PRO B 480 -40.40 -21.45 29.28
C PRO B 480 -40.28 -20.47 28.11
N VAL B 481 -39.81 -20.99 26.97
CA VAL B 481 -39.40 -20.13 25.85
C VAL B 481 -40.53 -19.23 25.36
N GLY B 482 -41.76 -19.75 25.25
CA GLY B 482 -42.87 -18.90 24.80
C GLY B 482 -43.12 -17.72 25.73
N ILE B 483 -43.04 -17.96 27.04
CA ILE B 483 -43.21 -16.91 28.04
C ILE B 483 -42.02 -15.94 28.00
N ILE B 484 -40.80 -16.48 27.89
CA ILE B 484 -39.60 -15.64 27.81
C ILE B 484 -39.64 -14.74 26.57
N ILE B 485 -40.18 -15.25 25.46
CA ILE B 485 -40.26 -14.46 24.23
C ILE B 485 -41.27 -13.32 24.38
N ILE B 486 -42.49 -13.61 24.87
CA ILE B 486 -43.44 -12.49 25.03
C ILE B 486 -42.95 -11.52 26.13
N SER B 487 -42.20 -12.03 27.12
CA SER B 487 -41.57 -11.17 28.13
C SER B 487 -40.57 -10.20 27.50
N GLY B 488 -39.85 -10.64 26.46
CA GLY B 488 -38.91 -9.78 25.77
C GLY B 488 -39.47 -8.89 24.68
N TRP B 489 -40.77 -8.95 24.39
CA TRP B 489 -41.33 -8.25 23.25
C TRP B 489 -42.70 -7.61 23.50
N GLY B 490 -43.62 -8.34 24.14
CA GLY B 490 -44.88 -7.75 24.56
C GLY B 490 -44.70 -6.72 25.66
N ILE B 491 -43.94 -7.07 26.71
CA ILE B 491 -43.73 -6.15 27.83
C ILE B 491 -43.12 -4.80 27.41
N PRO B 492 -42.09 -4.74 26.54
CA PRO B 492 -41.60 -3.41 26.13
C PRO B 492 -42.58 -2.65 25.24
N ALA B 493 -43.36 -3.35 24.41
CA ALA B 493 -44.41 -2.69 23.63
C ALA B 493 -45.49 -2.12 24.54
N LEU B 494 -45.84 -2.85 25.60
CA LEU B 494 -46.77 -2.36 26.62
C LEU B 494 -46.20 -1.14 27.33
N LEU B 495 -44.92 -1.17 27.71
CA LEU B 495 -44.29 -0.03 28.39
C LEU B 495 -44.25 1.22 27.49
N VAL B 496 -43.95 1.03 26.21
CA VAL B 496 -44.05 2.15 25.27
C VAL B 496 -45.51 2.61 25.13
N GLY B 497 -46.45 1.67 25.17
CA GLY B 497 -47.85 2.05 25.23
C GLY B 497 -48.16 2.94 26.40
N VAL B 498 -47.58 2.63 27.57
CA VAL B 498 -47.74 3.49 28.74
C VAL B 498 -47.22 4.88 28.44
N LEU B 499 -46.20 5.00 27.58
CA LEU B 499 -45.78 6.35 27.18
C LEU B 499 -46.82 7.01 26.26
N LEU B 500 -47.32 6.30 25.25
CA LEU B 500 -48.38 6.87 24.39
C LEU B 500 -49.63 7.23 25.19
N ILE B 501 -49.85 6.54 26.31
CA ILE B 501 -50.98 6.80 27.20
C ILE B 501 -50.71 8.01 28.09
N THR B 502 -49.59 8.00 28.81
CA THR B 502 -49.34 8.93 29.91
C THR B 502 -48.49 10.14 29.53
N GLY B 503 -47.68 10.06 28.48
CA GLY B 503 -46.57 10.98 28.33
C GLY B 503 -46.89 12.29 27.62
N LYS B 504 -46.01 13.27 27.82
CA LYS B 504 -46.03 14.53 27.09
C LYS B 504 -45.06 14.45 25.91
N HIS B 505 -45.61 14.66 24.70
CA HIS B 505 -44.88 14.55 23.44
C HIS B 505 -43.99 15.78 23.23
N ASN B 506 -42.67 15.57 23.24
CA ASN B 506 -41.71 16.66 23.10
C ASN B 506 -41.07 16.64 21.70
N GLY B 507 -41.88 17.02 20.71
CA GLY B 507 -41.47 16.95 19.31
C GLY B 507 -40.35 17.91 18.92
N ASP B 508 -40.08 18.92 19.74
CA ASP B 508 -38.96 19.82 19.54
C ASP B 508 -37.61 19.20 19.92
N SER B 509 -37.61 18.09 20.65
CA SER B 509 -36.36 17.52 21.15
C SER B 509 -35.56 16.85 20.03
N ILE B 510 -34.26 17.12 20.02
CA ILE B 510 -33.33 16.53 19.07
C ILE B 510 -33.01 15.09 19.43
N ASP B 511 -33.10 14.74 20.72
CA ASP B 511 -32.75 13.43 21.24
C ASP B 511 -34.01 12.67 21.65
N SER B 512 -34.24 11.52 21.02
CA SER B 512 -35.40 10.67 21.31
C SER B 512 -35.45 10.19 22.74
N ALA B 513 -34.34 10.26 23.49
CA ALA B 513 -34.35 9.84 24.90
C ALA B 513 -35.23 10.72 25.77
N PHE B 514 -35.65 11.88 25.27
CA PHE B 514 -36.52 12.80 26.00
C PHE B 514 -37.82 13.07 25.26
N PHE B 515 -38.15 12.22 24.29
CA PHE B 515 -39.34 12.44 23.47
C PHE B 515 -40.63 12.39 24.30
N TYR B 516 -40.69 11.50 25.29
CA TYR B 516 -41.80 11.54 26.25
C TYR B 516 -41.33 11.92 27.66
N GLY B 517 -40.26 12.70 27.75
CA GLY B 517 -39.91 13.43 28.96
C GLY B 517 -39.74 12.56 30.20
N LYS B 518 -40.23 13.07 31.33
CA LYS B 518 -40.16 12.36 32.59
C LYS B 518 -40.73 10.97 32.48
N GLU B 519 -41.87 10.83 31.80
CA GLU B 519 -42.49 9.51 31.71
C GLU B 519 -41.58 8.55 30.98
N GLN B 520 -40.92 9.01 29.92
CA GLN B 520 -39.95 8.15 29.24
C GLN B 520 -38.79 7.81 30.16
N MET B 521 -38.28 8.78 30.91
CA MET B 521 -37.17 8.48 31.80
C MET B 521 -37.59 7.50 32.88
N ILE B 522 -38.82 7.61 33.38
CA ILE B 522 -39.35 6.65 34.33
C ILE B 522 -39.47 5.27 33.68
N THR B 523 -40.09 5.21 32.51
CA THR B 523 -40.30 3.95 31.81
C THR B 523 -38.97 3.28 31.49
N THR B 524 -38.03 4.06 31.00
CA THR B 524 -36.68 3.58 30.72
C THR B 524 -36.02 3.07 31.99
N ALA B 525 -36.06 3.86 33.06
CA ALA B 525 -35.46 3.45 34.32
C ALA B 525 -36.10 2.16 34.84
N VAL B 526 -37.42 2.09 34.85
CA VAL B 526 -38.14 0.91 35.32
C VAL B 526 -37.71 -0.32 34.52
N THR B 527 -37.67 -0.19 33.19
CA THR B 527 -37.17 -1.26 32.34
C THR B 527 -35.76 -1.70 32.73
N LEU B 528 -34.86 -0.73 32.95
CA LEU B 528 -33.47 -1.03 33.26
C LEU B 528 -33.33 -1.64 34.65
N PHE B 529 -34.04 -1.08 35.63
CA PHE B 529 -34.05 -1.58 37.00
C PHE B 529 -34.45 -3.04 37.04
N CYS B 530 -35.54 -3.37 36.33
CA CYS B 530 -35.95 -4.76 36.16
C CYS B 530 -34.83 -5.60 35.54
N SER B 531 -34.34 -5.20 34.36
CA SER B 531 -33.43 -6.05 33.61
C SER B 531 -32.08 -6.22 34.31
N ILE B 532 -31.60 -5.19 35.01
CA ILE B 532 -30.35 -5.33 35.76
C ILE B 532 -30.54 -6.28 36.93
N LEU B 533 -31.66 -6.17 37.67
CA LEU B 533 -31.86 -7.09 38.79
C LEU B 533 -32.00 -8.53 38.30
N ILE B 534 -32.79 -8.76 37.25
CA ILE B 534 -32.93 -10.10 36.67
C ILE B 534 -31.55 -10.63 36.26
N ALA B 535 -30.78 -9.82 35.52
CA ALA B 535 -29.48 -10.26 35.03
C ALA B 535 -28.50 -10.54 36.17
N GLY B 536 -28.32 -9.57 37.07
CA GLY B 536 -27.35 -9.72 38.14
C GLY B 536 -27.66 -10.88 39.06
N ILE B 537 -28.92 -10.99 39.52
CA ILE B 537 -29.31 -12.11 40.35
C ILE B 537 -29.09 -13.43 39.62
N SER B 538 -29.28 -13.46 38.30
CA SER B 538 -29.05 -14.70 37.55
C SER B 538 -27.58 -15.07 37.49
N LEU B 539 -26.70 -14.11 37.19
CA LEU B 539 -25.27 -14.44 37.16
C LEU B 539 -24.76 -14.77 38.57
N MET B 540 -25.34 -14.17 39.60
CA MET B 540 -25.06 -14.59 40.98
C MET B 540 -25.50 -16.05 41.19
N CYS B 541 -26.71 -16.39 40.73
CA CYS B 541 -27.20 -17.77 40.84
C CYS B 541 -26.33 -18.76 40.07
N MET B 542 -25.69 -18.33 38.98
CA MET B 542 -24.71 -19.18 38.29
C MET B 542 -23.47 -19.42 39.15
N ASP B 652 -22.90 -25.82 19.65
CA ASP B 652 -22.44 -25.84 21.04
C ASP B 652 -23.02 -24.67 21.85
N GLN B 653 -23.16 -24.87 23.17
CA GLN B 653 -24.01 -24.02 23.99
C GLN B 653 -23.37 -22.69 24.39
N GLN B 654 -22.03 -22.60 24.40
CA GLN B 654 -21.27 -21.35 24.50
C GLN B 654 -21.60 -20.50 25.73
N LEU B 655 -21.96 -21.13 26.85
CA LEU B 655 -22.43 -20.38 28.03
C LEU B 655 -21.43 -19.31 28.50
N THR B 656 -20.11 -19.60 28.45
CA THR B 656 -19.13 -18.61 28.89
C THR B 656 -19.18 -17.36 28.03
N ARG B 657 -19.37 -17.52 26.72
CA ARG B 657 -19.51 -16.34 25.84
C ARG B 657 -20.82 -15.61 26.08
N HIS B 658 -21.90 -16.34 26.39
CA HIS B 658 -23.15 -15.65 26.70
C HIS B 658 -23.05 -14.91 28.03
N VAL B 659 -22.30 -15.47 28.99
CA VAL B 659 -22.01 -14.77 30.24
C VAL B 659 -21.26 -13.48 29.93
N LEU B 660 -20.24 -13.56 29.08
CA LEU B 660 -19.48 -12.37 28.71
C LEU B 660 -20.38 -11.33 28.03
N LEU B 661 -21.27 -11.79 27.14
CA LEU B 661 -22.22 -10.88 26.51
C LEU B 661 -23.09 -10.21 27.56
N CYS B 662 -23.64 -11.00 28.49
CA CYS B 662 -24.49 -10.44 29.53
C CYS B 662 -23.71 -9.48 30.41
N LEU B 663 -22.48 -9.83 30.80
CA LEU B 663 -21.68 -8.93 31.62
C LEU B 663 -21.51 -7.57 30.96
N LEU B 664 -21.14 -7.57 29.68
CA LEU B 664 -20.93 -6.29 29.00
C LEU B 664 -22.27 -5.56 28.79
N LEU B 665 -23.32 -6.28 28.43
CA LEU B 665 -24.60 -5.63 28.24
C LEU B 665 -25.15 -5.11 29.56
N ILE B 666 -24.91 -5.82 30.67
CA ILE B 666 -25.27 -5.35 32.01
C ILE B 666 -24.62 -4.01 32.28
N ILE B 667 -23.32 -3.90 32.00
CA ILE B 667 -22.62 -2.64 32.22
C ILE B 667 -23.26 -1.52 31.40
N GLY B 668 -23.66 -1.82 30.16
CA GLY B 668 -24.40 -0.84 29.37
C GLY B 668 -25.77 -0.49 29.94
N LEU B 669 -26.50 -1.49 30.44
CA LEU B 669 -27.75 -1.23 31.13
C LEU B 669 -27.50 -0.30 32.32
N PHE B 670 -26.45 -0.59 33.07
CA PHE B 670 -26.15 0.12 34.31
C PHE B 670 -25.83 1.58 34.02
N ALA B 671 -25.07 1.84 32.95
CA ALA B 671 -24.86 3.21 32.51
C ALA B 671 -26.20 3.88 32.17
N ASN B 672 -27.06 3.17 31.44
CA ASN B 672 -28.34 3.73 31.05
C ASN B 672 -29.24 4.02 32.27
N LEU B 673 -29.24 3.09 33.23
CA LEU B 673 -29.93 3.32 34.48
C LEU B 673 -29.41 4.58 35.13
N SER B 674 -28.09 4.73 35.17
CA SER B 674 -27.49 5.92 35.76
C SER B 674 -27.92 7.19 35.04
N SER B 675 -27.98 7.18 33.71
CA SER B 675 -28.47 8.36 33.00
C SER B 675 -29.89 8.68 33.40
N CYS B 676 -30.75 7.67 33.45
CA CYS B 676 -32.14 7.90 33.81
C CYS B 676 -32.26 8.41 35.24
N LEU B 677 -31.65 7.72 36.21
CA LEU B 677 -31.78 8.10 37.60
C LEU B 677 -31.07 9.42 37.89
N TRP B 678 -29.96 9.69 37.23
CA TRP B 678 -29.27 10.97 37.39
C TRP B 678 -30.13 12.11 36.88
N TRP B 679 -30.75 11.93 35.70
CA TRP B 679 -31.63 12.96 35.17
C TRP B 679 -32.93 13.07 35.98
N LEU B 680 -33.39 11.97 36.57
CA LEU B 680 -34.61 12.01 37.36
C LEU B 680 -34.37 12.67 38.71
N PHE B 681 -33.25 12.37 39.37
CA PHE B 681 -32.95 12.87 40.71
C PHE B 681 -32.35 14.29 40.69
N ASN B 682 -31.56 14.63 39.67
CA ASN B 682 -30.88 15.93 39.62
C ASN B 682 -31.54 16.90 38.63
N ARG B 687 -22.20 18.88 32.95
CA ARG B 687 -21.95 18.29 31.65
C ARG B 687 -21.59 16.80 31.78
N LEU B 688 -21.20 16.38 32.99
CA LEU B 688 -21.01 14.97 33.29
C LEU B 688 -22.29 14.16 33.03
N TYR B 689 -23.46 14.76 33.21
CA TYR B 689 -24.69 14.11 32.78
C TYR B 689 -24.74 13.96 31.26
N VAL B 690 -24.42 15.01 30.49
CA VAL B 690 -24.48 14.89 29.03
C VAL B 690 -23.44 13.89 28.52
N GLU B 691 -22.27 13.85 29.16
CA GLU B 691 -21.31 12.78 28.87
C GLU B 691 -21.93 11.41 29.10
N LEU B 692 -22.57 11.22 30.25
CA LEU B 692 -23.18 9.94 30.56
C LEU B 692 -24.33 9.62 29.61
N GLN B 693 -25.06 10.66 29.19
CA GLN B 693 -26.12 10.49 28.21
C GLN B 693 -25.57 10.02 26.88
N PHE B 694 -24.42 10.55 26.49
CA PHE B 694 -23.73 10.07 25.31
C PHE B 694 -23.26 8.63 25.47
N PHE B 695 -22.74 8.25 26.64
CA PHE B 695 -22.36 6.84 26.83
C PHE B 695 -23.57 5.94 26.72
N CYS B 696 -24.72 6.42 27.18
CA CYS B 696 -25.95 5.68 27.03
C CYS B 696 -26.32 5.53 25.55
N ALA B 697 -26.27 6.62 24.79
CA ALA B 697 -26.50 6.53 23.34
C ALA B 697 -25.54 5.55 22.70
N VAL B 698 -24.26 5.64 23.07
CA VAL B 698 -23.22 4.77 22.53
C VAL B 698 -23.57 3.31 22.77
N PHE B 699 -23.93 2.97 24.01
CA PHE B 699 -24.34 1.59 24.28
C PHE B 699 -25.61 1.24 23.54
N ASN B 700 -26.62 2.10 23.63
CA ASN B 700 -27.93 1.80 23.09
C ASN B 700 -27.87 1.48 21.61
N PHE B 701 -27.09 2.25 20.86
CA PHE B 701 -26.98 2.01 19.43
C PHE B 701 -25.80 1.13 19.07
N GLY B 702 -24.83 0.93 19.97
CA GLY B 702 -23.64 0.16 19.66
C GLY B 702 -23.53 -1.20 20.28
N GLN B 703 -24.49 -1.58 21.11
CA GLN B 703 -24.53 -2.89 21.75
C GLN B 703 -24.61 -4.03 20.75
N GLY B 704 -25.13 -3.78 19.55
CA GLY B 704 -25.04 -4.79 18.52
C GLY B 704 -23.61 -5.13 18.16
N PHE B 705 -22.71 -4.16 18.26
CA PHE B 705 -21.30 -4.42 18.01
C PHE B 705 -20.69 -5.29 19.10
N ILE B 706 -21.22 -5.23 20.32
CA ILE B 706 -20.78 -6.16 21.37
C ILE B 706 -21.28 -7.56 21.05
N SER B 707 -22.55 -7.68 20.67
CA SER B 707 -23.09 -8.96 20.24
C SER B 707 -22.25 -9.55 19.10
N PHE B 708 -21.84 -8.72 18.15
CA PHE B 708 -20.96 -9.15 17.08
C PHE B 708 -19.57 -9.55 17.58
N GLY B 709 -18.99 -8.77 18.48
CA GLY B 709 -17.68 -9.10 19.01
C GLY B 709 -17.63 -10.41 19.75
N ILE B 710 -18.77 -10.95 20.15
CA ILE B 710 -18.82 -12.22 20.88
C ILE B 710 -19.45 -13.35 20.07
N PHE B 711 -20.47 -13.09 19.25
CA PHE B 711 -21.14 -14.12 18.48
C PHE B 711 -21.10 -13.91 16.97
N GLY B 712 -20.77 -12.72 16.50
CA GLY B 712 -20.54 -12.53 15.08
C GLY B 712 -19.30 -13.24 14.60
N LEU B 713 -18.22 -13.17 15.37
CA LEU B 713 -16.94 -13.76 14.99
C LEU B 713 -16.83 -15.28 15.33
N ASP B 714 -17.96 -15.98 15.47
CA ASP B 714 -17.98 -17.43 15.68
C ASP B 714 -17.58 -18.17 14.40
N LYS B 715 -17.08 -19.39 14.56
CA LYS B 715 -16.50 -20.16 13.45
C LYS B 715 -17.55 -20.93 12.62
N HIS B 716 -18.76 -21.15 13.15
CA HIS B 716 -19.74 -21.96 12.44
C HIS B 716 -20.32 -21.27 11.21
N LEU B 717 -20.54 -22.05 10.15
CA LEU B 717 -21.01 -21.59 8.84
C LEU B 717 -21.86 -22.70 8.19
N ILE B 718 -22.71 -22.32 7.22
CA ILE B 718 -23.56 -23.31 6.56
C ILE B 718 -24.10 -22.81 5.21
N ILE B 719 -24.58 -23.76 4.40
CA ILE B 719 -25.25 -23.60 3.09
C ILE B 719 -24.74 -22.46 2.23
C1 NAG C . -7.59 22.22 -23.88
C2 NAG C . -8.12 23.62 -24.16
C3 NAG C . -8.39 24.33 -22.85
C4 NAG C . -9.36 23.54 -22.00
C5 NAG C . -8.77 22.15 -21.76
C6 NAG C . -9.71 21.27 -20.98
C7 NAG C . -7.62 25.13 -25.99
C8 NAG C . -6.64 26.10 -26.54
N2 NAG C . -7.21 24.44 -24.93
O3 NAG C . -8.89 25.64 -23.10
O4 NAG C . -9.53 24.18 -20.74
O5 NAG C . -8.53 21.51 -23.03
O6 NAG C . -11.01 21.32 -21.55
O7 NAG C . -8.71 24.94 -26.51
C1 NAG D . -1.35 27.70 18.76
C2 NAG D . -1.34 29.23 18.74
C3 NAG D . -1.29 29.72 17.31
C4 NAG D . -0.07 29.15 16.59
C5 NAG D . -0.14 27.63 16.66
C6 NAG D . 1.07 27.00 16.04
C7 NAG D . -2.39 30.81 20.25
C8 NAG D . -3.66 31.47 20.64
N2 NAG D . -2.50 29.83 19.37
O3 NAG D . -1.27 31.14 17.28
O4 NAG D . -0.08 29.56 15.24
O5 NAG D . -0.19 27.20 18.04
O6 NAG D . 2.26 27.60 16.54
O7 NAG D . -1.32 31.11 20.76
#